data_8EC7
#
_entry.id   8EC7
#
_cell.length_a   1.00
_cell.length_b   1.00
_cell.length_c   1.00
_cell.angle_alpha   90.00
_cell.angle_beta   90.00
_cell.angle_gamma   90.00
#
_symmetry.space_group_name_H-M   'P 1'
#
_entity_poly.entity_id   1
_entity_poly.type   'polypeptide(L)'
_entity_poly.pdbx_seq_one_letter_code
;MQEVQSSRSGRGGNFGFGDSRGGGGNFGPGPGSNFRGGSDGYGSGRGFGDGYNGYGGGPGGGNFGGSPGYGGGRGGYGGG
GPGYGNQGGGYGGGYDNYGGGNYGSGNYNVFGNYNQQPSNYGPMKSGNFGGSRNMGGPYGGGNYGPGGSGGSGGYGGRSR
Y
;
_entity_poly.pdbx_strand_id   A,B,C,D,E,F,G,H,I,J,K,L,M,N,O
#
# COMPACT_ATOMS: atom_id res chain seq x y z
N GLY A 83 1.81 17.07 -44.37
CA GLY A 83 2.64 17.01 -43.17
C GLY A 83 4.06 17.47 -43.41
N TYR A 84 4.48 18.50 -42.68
CA TYR A 84 5.81 19.07 -42.81
C TYR A 84 6.47 19.11 -41.45
N GLY A 85 7.70 18.61 -41.37
CA GLY A 85 8.41 18.57 -40.10
C GLY A 85 8.90 19.93 -39.66
N ASN A 86 9.43 19.97 -38.44
CA ASN A 86 9.97 21.22 -37.91
C ASN A 86 11.18 21.67 -38.71
N GLN A 87 11.36 22.99 -38.80
CA GLN A 87 12.48 23.55 -39.55
C GLN A 87 13.74 23.63 -38.68
N GLY A 88 13.66 24.33 -37.56
CA GLY A 88 14.82 24.50 -36.71
C GLY A 88 14.41 24.88 -35.31
N GLY A 89 15.41 24.94 -34.44
CA GLY A 89 15.17 25.33 -33.05
C GLY A 89 16.45 25.24 -32.26
N GLY A 90 16.39 25.85 -31.06
CA GLY A 90 17.54 25.80 -30.18
C GLY A 90 17.89 24.38 -29.74
N TYR A 91 16.87 23.57 -29.52
CA TYR A 91 17.04 22.15 -29.22
C TYR A 91 16.48 21.32 -30.38
N GLY A 92 16.55 20.00 -30.24
CA GLY A 92 16.10 19.12 -31.29
C GLY A 92 14.59 19.08 -31.39
N GLY A 93 14.04 19.68 -32.44
CA GLY A 93 12.61 19.63 -32.67
C GLY A 93 12.19 18.46 -33.54
N GLY A 94 11.39 17.56 -32.99
CA GLY A 94 10.95 16.39 -33.72
C GLY A 94 9.55 15.99 -33.31
N TYR A 95 8.94 15.15 -34.14
CA TYR A 95 7.59 14.64 -33.89
C TYR A 95 7.67 13.39 -33.02
N ASP A 96 7.95 13.63 -31.75
CA ASP A 96 8.15 12.54 -30.78
C ASP A 96 6.81 12.10 -30.22
N ASN A 97 6.51 10.80 -30.36
CA ASN A 97 5.33 10.19 -29.74
C ASN A 97 5.80 9.37 -28.55
N TYR A 98 5.48 9.84 -27.34
CA TYR A 98 5.94 9.16 -26.13
C TYR A 98 4.93 8.11 -25.67
N GLY A 99 3.66 8.47 -25.61
CA GLY A 99 2.63 7.55 -25.17
C GLY A 99 1.43 7.56 -26.09
N GLY A 100 0.81 6.40 -26.23
CA GLY A 100 -0.38 6.28 -27.05
C GLY A 100 -0.76 4.83 -27.20
N GLY A 101 -1.83 4.61 -27.97
CA GLY A 101 -2.29 3.29 -28.33
C GLY A 101 -3.62 2.98 -27.67
N ASN A 102 -3.97 1.70 -27.68
CA ASN A 102 -5.21 1.22 -27.08
C ASN A 102 -4.87 0.34 -25.89
N TYR A 103 -5.56 0.54 -24.78
CA TYR A 103 -5.35 -0.21 -23.56
C TYR A 103 -6.65 -0.94 -23.24
N GLY A 104 -6.78 -2.16 -23.75
CA GLY A 104 -7.97 -2.96 -23.54
C GLY A 104 -9.22 -2.34 -24.13
N SER A 105 -9.12 -1.85 -25.36
CA SER A 105 -10.21 -1.17 -26.03
C SER A 105 -10.70 -1.99 -27.22
N GLY A 106 -11.95 -1.75 -27.59
CA GLY A 106 -12.53 -2.47 -28.71
C GLY A 106 -12.78 -3.93 -28.45
N ASN A 107 -12.90 -4.32 -27.18
CA ASN A 107 -13.14 -5.71 -26.83
C ASN A 107 -14.56 -6.12 -27.21
N TYR A 108 -14.71 -7.38 -27.62
CA TYR A 108 -16.00 -7.98 -27.90
C TYR A 108 -16.18 -9.14 -26.94
N ASN A 109 -16.92 -8.91 -25.85
CA ASN A 109 -17.11 -9.90 -24.81
C ASN A 109 -18.59 -10.23 -24.69
N VAL A 110 -18.92 -11.51 -24.81
CA VAL A 110 -20.27 -12.01 -24.56
C VAL A 110 -20.15 -13.06 -23.47
N PHE A 111 -20.68 -12.77 -22.29
CA PHE A 111 -20.49 -13.62 -21.12
C PHE A 111 -21.84 -14.18 -20.66
N GLY A 112 -21.79 -15.39 -20.14
CA GLY A 112 -22.98 -16.01 -19.55
C GLY A 112 -22.75 -16.47 -18.12
N ASN A 113 -23.71 -16.17 -17.25
CA ASN A 113 -23.70 -16.60 -15.85
C ASN A 113 -22.52 -15.95 -15.14
N TYR A 114 -21.64 -16.70 -14.47
CA TYR A 114 -20.67 -16.13 -13.53
C TYR A 114 -19.31 -15.99 -14.19
N ASN A 115 -19.11 -14.88 -14.88
CA ASN A 115 -17.83 -14.62 -15.52
C ASN A 115 -17.17 -13.40 -14.89
N GLN A 116 -15.84 -13.50 -14.74
CA GLN A 116 -15.03 -12.42 -14.16
C GLN A 116 -13.89 -12.10 -15.11
N GLN A 117 -13.77 -10.82 -15.47
CA GLN A 117 -12.72 -10.36 -16.37
C GLN A 117 -12.04 -9.15 -15.75
N PRO A 118 -11.19 -9.37 -14.74
CA PRO A 118 -10.45 -8.27 -14.15
C PRO A 118 -9.29 -7.83 -15.02
N SER A 119 -8.99 -6.54 -14.95
CA SER A 119 -7.91 -5.95 -15.74
C SER A 119 -7.24 -4.85 -14.95
N ASN A 120 -5.91 -4.88 -14.89
CA ASN A 120 -5.12 -3.87 -14.20
C ASN A 120 -4.05 -3.35 -15.15
N TYR A 121 -3.92 -2.03 -15.23
CA TYR A 121 -2.90 -1.39 -16.04
C TYR A 121 -2.03 -0.54 -15.13
N GLY A 122 -0.72 -0.77 -15.18
CA GLY A 122 0.19 -0.08 -14.31
C GLY A 122 0.37 1.37 -14.72
N PRO A 123 1.13 2.11 -13.92
CA PRO A 123 1.37 3.52 -14.24
C PRO A 123 2.11 3.67 -15.55
N MET A 124 1.71 4.68 -16.33
CA MET A 124 2.33 4.97 -17.61
C MET A 124 3.13 6.26 -17.48
N LYS A 125 4.43 6.17 -17.72
CA LYS A 125 5.32 7.33 -17.67
C LYS A 125 5.88 7.56 -19.07
N SER A 126 5.36 8.57 -19.75
CA SER A 126 5.77 8.88 -21.12
C SER A 126 6.29 10.31 -21.16
N GLY A 127 7.48 10.49 -21.73
CA GLY A 127 8.05 11.81 -21.83
C GLY A 127 9.49 11.88 -21.38
N ASN A 128 9.87 13.00 -20.77
CA ASN A 128 11.22 13.22 -20.27
C ASN A 128 11.16 13.27 -18.75
N PHE A 129 12.00 12.47 -18.09
CA PHE A 129 11.97 12.34 -16.64
C PHE A 129 13.38 12.52 -16.10
N GLY A 130 13.44 12.93 -14.83
CA GLY A 130 14.72 13.12 -14.17
C GLY A 130 15.58 14.20 -14.80
N GLY A 131 14.98 15.31 -15.21
CA GLY A 131 15.72 16.40 -15.80
C GLY A 131 16.40 16.05 -17.10
N SER A 132 15.67 15.40 -17.99
CA SER A 132 16.21 14.96 -19.28
C SER A 132 16.09 16.06 -20.32
N ARG A 133 16.89 15.92 -21.39
CA ARG A 133 16.91 16.86 -22.51
C ARG A 133 17.22 18.29 -22.06
N ASN A 134 18.14 18.40 -21.10
CA ASN A 134 18.56 19.70 -20.59
C ASN A 134 19.70 20.26 -21.42
N MET A 135 19.90 21.58 -21.28
CA MET A 135 21.00 22.28 -21.95
C MET A 135 22.05 22.66 -20.92
N GLY A 136 23.31 22.44 -21.28
CA GLY A 136 24.42 22.78 -20.40
C GLY A 136 24.74 24.26 -20.42
N GLY B 83 34.75 13.85 41.20
CA GLY B 83 34.86 14.83 40.14
C GLY B 83 35.48 16.14 40.60
N TYR B 84 36.60 16.50 39.98
CA TYR B 84 37.33 17.72 40.33
C TYR B 84 37.52 18.54 39.07
N GLY B 85 37.20 19.84 39.16
CA GLY B 85 37.31 20.71 38.01
C GLY B 85 38.75 21.07 37.69
N ASN B 86 38.92 21.76 36.57
CA ASN B 86 40.25 22.19 36.16
C ASN B 86 40.80 23.21 37.15
N GLN B 87 42.13 23.20 37.31
CA GLN B 87 42.79 24.12 38.23
C GLN B 87 43.08 25.46 37.57
N GLY B 88 43.83 25.44 36.47
CA GLY B 88 44.19 26.68 35.80
C GLY B 88 44.58 26.43 34.37
N GLY B 89 44.83 27.51 33.65
CA GLY B 89 45.25 27.42 32.27
C GLY B 89 45.37 28.80 31.67
N GLY B 90 46.03 28.84 30.50
CA GLY B 90 46.17 30.10 29.78
C GLY B 90 44.84 30.69 29.37
N TYR B 91 43.91 29.84 28.96
CA TYR B 91 42.55 30.23 28.63
C TYR B 91 41.60 29.64 29.67
N GLY B 92 40.31 29.90 29.50
CA GLY B 92 39.31 29.43 30.46
C GLY B 92 39.08 27.94 30.33
N GLY B 93 39.54 27.16 31.30
CA GLY B 93 39.30 25.74 31.32
C GLY B 93 38.05 25.37 32.07
N GLY B 94 37.08 24.78 31.38
CA GLY B 94 35.83 24.40 32.00
C GLY B 94 35.27 23.14 31.38
N TYR B 95 34.31 22.53 32.09
CA TYR B 95 33.65 21.31 31.61
C TYR B 95 32.47 21.69 30.72
N ASP B 96 32.80 22.11 29.51
CA ASP B 96 31.81 22.58 28.56
C ASP B 96 31.22 21.41 27.79
N ASN B 97 29.90 21.27 27.83
CA ASN B 97 29.18 20.29 27.02
C ASN B 97 28.48 21.03 25.89
N TYR B 98 28.96 20.83 24.68
CA TYR B 98 28.42 21.54 23.52
C TYR B 98 27.27 20.76 22.87
N GLY B 99 27.47 19.47 22.64
CA GLY B 99 26.45 18.64 22.02
C GLY B 99 26.27 17.34 22.76
N GLY B 100 25.02 16.87 22.76
CA GLY B 100 24.71 15.60 23.39
C GLY B 100 23.21 15.39 23.44
N GLY B 101 22.82 14.27 24.04
CA GLY B 101 21.43 13.95 24.27
C GLY B 101 20.99 12.78 23.42
N ASN B 102 19.67 12.61 23.33
CA ASN B 102 19.06 11.54 22.55
C ASN B 102 18.31 12.17 21.40
N TYR B 103 18.49 11.61 20.20
CA TYR B 103 17.83 12.09 18.99
C TYR B 103 16.96 10.96 18.46
N GLY B 104 15.70 10.93 18.91
CA GLY B 104 14.77 9.89 18.48
C GLY B 104 15.19 8.51 18.92
N SER B 105 15.62 8.36 20.16
CA SER B 105 16.12 7.11 20.69
C SER B 105 15.18 6.57 21.75
N GLY B 106 15.23 5.26 21.96
CA GLY B 106 14.39 4.63 22.96
C GLY B 106 12.93 4.62 22.61
N ASN B 107 12.59 4.74 21.32
CA ASN B 107 11.20 4.74 20.90
C ASN B 107 10.59 3.35 21.05
N TYR B 108 9.31 3.32 21.38
CA TYR B 108 8.53 2.08 21.45
C TYR B 108 7.41 2.20 20.43
N ASN B 109 7.60 1.60 19.26
CA ASN B 109 6.65 1.69 18.17
C ASN B 109 6.14 0.30 17.82
N VAL B 110 4.82 0.14 17.85
CA VAL B 110 4.17 -1.08 17.39
C VAL B 110 3.19 -0.67 16.30
N PHE B 111 3.49 -1.06 15.06
CA PHE B 111 2.73 -0.61 13.90
C PHE B 111 2.03 -1.78 13.23
N GLY B 112 0.86 -1.50 12.67
CA GLY B 112 0.12 -2.49 11.90
C GLY B 112 -0.22 -2.01 10.51
N ASN B 113 0.00 -2.87 9.51
CA ASN B 113 -0.35 -2.60 8.11
C ASN B 113 0.49 -1.43 7.60
N TYR B 114 -0.11 -0.37 7.04
CA TYR B 114 0.62 0.63 6.27
C TYR B 114 0.89 1.87 7.14
N ASN B 115 1.99 1.81 7.89
CA ASN B 115 2.39 2.93 8.71
C ASN B 115 3.71 3.51 8.23
N GLN B 116 3.79 4.85 8.28
CA GLN B 116 4.99 5.57 7.86
C GLN B 116 5.40 6.51 8.98
N GLN B 117 6.66 6.41 9.40
CA GLN B 117 7.21 7.25 10.46
C GLN B 117 8.52 7.85 9.98
N PRO B 118 8.47 8.85 9.10
CA PRO B 118 9.69 9.51 8.66
C PRO B 118 10.23 10.47 9.72
N SER B 119 11.55 10.60 9.74
CA SER B 119 12.23 11.47 10.69
C SER B 119 13.45 12.09 10.05
N ASN B 120 13.59 13.41 10.18
CA ASN B 120 14.73 14.14 9.65
C ASN B 120 15.33 14.98 10.77
N TYR B 121 16.64 14.92 10.92
CA TYR B 121 17.38 15.72 11.88
C TYR B 121 18.38 16.58 11.13
N GLY B 122 18.32 17.90 11.36
CA GLY B 122 19.17 18.81 10.67
C GLY B 122 20.60 18.74 11.15
N PRO B 123 21.48 19.50 10.50
CA PRO B 123 22.88 19.50 10.89
C PRO B 123 23.06 20.02 12.31
N MET B 124 23.95 19.38 13.06
CA MET B 124 24.26 19.77 14.42
C MET B 124 25.65 20.40 14.44
N LYS B 125 25.72 21.65 14.88
CA LYS B 125 26.97 22.38 15.01
C LYS B 125 27.20 22.69 16.47
N SER B 126 28.10 21.95 17.11
CA SER B 126 28.39 22.11 18.53
C SER B 126 29.86 22.43 18.69
N GLY B 127 30.17 23.49 19.43
CA GLY B 127 31.54 23.86 19.66
C GLY B 127 31.83 25.33 19.44
N ASN B 128 33.02 25.64 18.93
CA ASN B 128 33.43 27.00 18.63
C ASN B 128 33.55 27.14 17.13
N PHE B 129 32.91 28.16 16.57
CA PHE B 129 32.84 28.36 15.14
C PHE B 129 33.24 29.79 14.81
N GLY B 130 33.72 29.98 13.58
CA GLY B 130 34.11 31.31 13.12
C GLY B 130 35.25 31.92 13.90
N GLY B 131 36.25 31.11 14.25
CA GLY B 131 37.40 31.61 14.99
C GLY B 131 37.06 32.15 16.36
N SER B 132 36.28 31.38 17.12
CA SER B 132 35.85 31.80 18.45
C SER B 132 36.87 31.38 19.50
N ARG B 133 36.77 32.02 20.67
CA ARG B 133 37.65 31.76 21.81
C ARG B 133 39.12 31.95 21.45
N ASN B 134 39.41 32.97 20.66
CA ASN B 134 40.78 33.27 20.26
C ASN B 134 41.45 34.20 21.26
N MET B 135 42.77 34.25 21.20
CA MET B 135 43.58 35.12 22.04
C MET B 135 44.14 36.24 21.20
N GLY B 136 44.07 37.47 21.72
CA GLY B 136 44.59 38.63 21.03
C GLY B 136 46.10 38.75 21.15
N GLY C 83 -30.40 -30.98 24.57
CA GLY C 83 -30.86 -31.33 23.23
C GLY C 83 -31.47 -32.71 23.15
N TYR C 84 -32.74 -32.77 22.76
CA TYR C 84 -33.46 -34.03 22.66
C TYR C 84 -34.05 -34.15 21.26
N GLY C 85 -33.83 -35.31 20.62
CA GLY C 85 -34.30 -35.50 19.27
C GLY C 85 -35.80 -35.73 19.21
N ASN C 86 -36.32 -35.79 17.99
CA ASN C 86 -37.75 -36.02 17.78
C ASN C 86 -38.12 -37.42 18.27
N GLN C 87 -39.36 -37.53 18.76
CA GLN C 87 -39.85 -38.81 19.26
C GLN C 87 -40.42 -39.67 18.13
N GLY C 88 -41.42 -39.16 17.43
CA GLY C 88 -42.05 -39.92 16.36
C GLY C 88 -42.77 -39.02 15.40
N GLY C 89 -43.28 -39.63 14.34
CA GLY C 89 -44.02 -38.89 13.33
C GLY C 89 -44.43 -39.80 12.20
N GLY C 90 -45.35 -39.29 11.38
CA GLY C 90 -45.79 -40.04 10.22
C GLY C 90 -44.66 -40.29 9.23
N TYR C 91 -43.79 -39.32 9.05
CA TYR C 91 -42.60 -39.44 8.23
C TYR C 91 -41.37 -39.39 9.14
N GLY C 92 -40.19 -39.47 8.52
CA GLY C 92 -38.95 -39.49 9.28
C GLY C 92 -38.61 -38.12 9.83
N GLY C 93 -38.75 -37.94 11.15
CA GLY C 93 -38.38 -36.69 11.78
C GLY C 93 -36.94 -36.68 12.26
N GLY C 94 -36.13 -35.80 11.70
CA GLY C 94 -34.73 -35.71 12.07
C GLY C 94 -34.23 -34.29 12.02
N TYR C 95 -33.08 -34.06 12.64
CA TYR C 95 -32.45 -32.74 12.66
C TYR C 95 -31.56 -32.58 11.43
N ASP C 96 -32.22 -32.36 10.30
CA ASP C 96 -31.56 -32.27 9.01
C ASP C 96 -31.08 -30.85 8.78
N ASN C 97 -29.78 -30.69 8.53
CA ASN C 97 -29.19 -29.41 8.15
C ASN C 97 -28.88 -29.47 6.66
N TYR C 98 -29.64 -28.72 5.86
CA TYR C 98 -29.46 -28.75 4.41
C TYR C 98 -28.45 -27.70 3.95
N GLY C 99 -28.58 -26.47 4.43
CA GLY C 99 -27.67 -25.41 4.04
C GLY C 99 -27.18 -24.62 5.24
N GLY C 100 -25.94 -24.16 5.14
CA GLY C 100 -25.36 -23.36 6.20
C GLY C 100 -23.89 -23.13 5.94
N GLY C 101 -23.25 -22.43 6.87
CA GLY C 101 -21.83 -22.20 6.85
C GLY C 101 -21.51 -20.76 6.59
N ASN C 102 -20.25 -20.50 6.25
CA ASN C 102 -19.76 -19.16 5.95
C ASN C 102 -19.38 -19.11 4.48
N TYR C 103 -19.79 -18.04 3.81
CA TYR C 103 -19.51 -17.85 2.39
C TYR C 103 -18.70 -16.56 2.26
N GLY C 104 -17.37 -16.70 2.31
CA GLY C 104 -16.49 -15.56 2.23
C GLY C 104 -16.66 -14.57 3.36
N SER C 105 -16.74 -15.08 4.58
CA SER C 105 -16.98 -14.26 5.76
C SER C 105 -15.75 -14.28 6.66
N GLY C 106 -15.63 -13.23 7.47
CA GLY C 106 -14.51 -13.14 8.39
C GLY C 106 -13.18 -12.90 7.72
N ASN C 107 -13.20 -12.35 6.50
CA ASN C 107 -11.96 -12.08 5.78
C ASN C 107 -11.22 -10.92 6.41
N TYR C 108 -9.89 -11.00 6.37
CA TYR C 108 -9.01 -9.93 6.81
C TYR C 108 -8.19 -9.49 5.61
N ASN C 109 -8.61 -8.40 4.98
CA ASN C 109 -7.98 -7.90 3.76
C ASN C 109 -7.44 -6.50 4.01
N VAL C 110 -6.15 -6.30 3.76
CA VAL C 110 -5.53 -5.00 3.79
C VAL C 110 -4.90 -4.77 2.43
N PHE C 111 -5.46 -3.84 1.66
CA PHE C 111 -5.07 -3.63 0.27
C PHE C 111 -4.45 -2.26 0.10
N GLY C 112 -3.49 -2.17 -0.82
CA GLY C 112 -2.88 -0.90 -1.17
C GLY C 112 -2.94 -0.63 -2.66
N ASN C 113 -3.32 0.59 -3.03
CA ASN C 113 -3.36 1.06 -4.42
C ASN C 113 -4.40 0.26 -5.19
N TYR C 114 -4.07 -0.37 -6.31
CA TYR C 114 -5.06 -0.89 -7.25
C TYR C 114 -5.22 -2.40 -7.05
N ASN C 115 -6.09 -2.77 -6.11
CA ASN C 115 -6.37 -4.18 -5.86
C ASN C 115 -7.82 -4.50 -6.19
N GLN C 116 -8.01 -5.68 -6.77
CA GLN C 116 -9.33 -6.16 -7.16
C GLN C 116 -9.55 -7.54 -6.56
N GLN C 117 -10.63 -7.71 -5.83
CA GLN C 117 -10.98 -8.99 -5.22
C GLN C 117 -12.41 -9.34 -5.55
N PRO C 118 -12.68 -9.78 -6.77
CA PRO C 118 -14.03 -10.19 -7.14
C PRO C 118 -14.36 -11.56 -6.58
N SER C 119 -15.65 -11.74 -6.29
CA SER C 119 -16.15 -13.00 -5.72
C SER C 119 -17.54 -13.27 -6.24
N ASN C 120 -17.76 -14.49 -6.73
CA ASN C 120 -19.06 -14.92 -7.21
C ASN C 120 -19.44 -16.23 -6.53
N TYR C 121 -20.67 -16.30 -6.03
CA TYR C 121 -21.21 -17.50 -5.41
C TYR C 121 -22.44 -17.94 -6.20
N GLY C 122 -22.44 -19.19 -6.65
CA GLY C 122 -23.52 -19.68 -7.45
C GLY C 122 -24.77 -19.92 -6.63
N PRO C 123 -25.85 -20.29 -7.31
CA PRO C 123 -27.11 -20.54 -6.61
C PRO C 123 -26.97 -21.71 -5.64
N MET C 124 -27.59 -21.55 -4.47
CA MET C 124 -27.58 -22.57 -3.43
C MET C 124 -28.97 -23.19 -3.35
N LYS C 125 -29.04 -24.50 -3.56
CA LYS C 125 -30.29 -25.25 -3.48
C LYS C 125 -30.16 -26.25 -2.35
N SER C 126 -30.80 -25.95 -1.22
CA SER C 126 -30.74 -26.80 -0.03
C SER C 126 -32.15 -27.22 0.33
N GLY C 127 -32.35 -28.52 0.52
CA GLY C 127 -33.66 -29.02 0.91
C GLY C 127 -34.13 -30.20 0.08
N ASN C 128 -35.43 -30.27 -0.17
CA ASN C 128 -36.02 -31.33 -0.97
C ASN C 128 -36.54 -30.72 -2.27
N PHE C 129 -36.15 -31.30 -3.40
CA PHE C 129 -36.47 -30.78 -4.71
C PHE C 129 -37.07 -31.88 -5.57
N GLY C 130 -37.85 -31.46 -6.56
CA GLY C 130 -38.47 -32.41 -7.48
C GLY C 130 -39.43 -33.37 -6.81
N GLY C 131 -40.23 -32.89 -5.86
CA GLY C 131 -41.20 -33.73 -5.20
C GLY C 131 -40.58 -34.85 -4.39
N SER C 132 -39.56 -34.53 -3.60
CA SER C 132 -38.86 -35.53 -2.80
C SER C 132 -39.54 -35.72 -1.45
N ARG C 133 -39.20 -36.85 -0.82
CA ARG C 133 -39.74 -37.22 0.50
C ARG C 133 -41.27 -37.26 0.50
N ASN C 134 -41.84 -37.77 -0.58
CA ASN C 134 -43.28 -37.90 -0.70
C ASN C 134 -43.76 -39.23 -0.14
N MET C 135 -45.06 -39.29 0.15
CA MET C 135 -45.70 -40.51 0.64
C MET C 135 -46.57 -41.11 -0.46
N GLY C 136 -46.47 -42.42 -0.63
CA GLY C 136 -47.26 -43.12 -1.63
C GLY C 136 -48.70 -43.34 -1.19
N GLY D 83 -0.86 20.81 -42.85
CA GLY D 83 -0.04 20.74 -41.65
C GLY D 83 1.39 21.20 -41.87
N TYR D 84 1.80 22.22 -41.14
CA TYR D 84 3.14 22.79 -41.25
C TYR D 84 3.78 22.80 -39.88
N GLY D 85 5.02 22.31 -39.79
CA GLY D 85 5.70 22.25 -38.52
C GLY D 85 6.20 23.61 -38.07
N ASN D 86 6.72 23.64 -36.85
CA ASN D 86 7.25 24.88 -36.29
C ASN D 86 8.47 25.32 -37.08
N GLN D 87 8.66 26.64 -37.15
CA GLN D 87 9.79 27.21 -37.89
C GLN D 87 11.04 27.28 -37.02
N GLY D 88 10.96 27.98 -35.89
CA GLY D 88 12.11 28.13 -35.02
C GLY D 88 11.69 28.51 -33.62
N GLY D 89 12.68 28.55 -32.74
CA GLY D 89 12.43 28.93 -31.36
C GLY D 89 13.70 28.83 -30.55
N GLY D 90 13.64 29.42 -29.35
CA GLY D 90 14.78 29.37 -28.46
C GLY D 90 15.12 27.95 -28.04
N TYR D 91 14.10 27.12 -27.81
CA TYR D 91 14.26 25.70 -27.53
C TYR D 91 13.71 24.90 -28.70
N GLY D 92 13.77 23.57 -28.57
CA GLY D 92 13.33 22.71 -29.65
C GLY D 92 11.82 22.66 -29.75
N GLY D 93 11.28 23.27 -30.80
CA GLY D 93 9.85 23.24 -31.05
C GLY D 93 9.44 22.08 -31.92
N GLY D 94 8.62 21.17 -31.39
CA GLY D 94 8.19 20.01 -32.14
C GLY D 94 6.78 19.61 -31.74
N TYR D 95 6.17 18.78 -32.59
CA TYR D 95 4.82 18.28 -32.35
C TYR D 95 4.89 17.01 -31.49
N ASP D 96 5.15 17.23 -30.20
CA ASP D 96 5.34 16.14 -29.25
C ASP D 96 3.99 15.70 -28.71
N ASN D 97 3.69 14.42 -28.85
CA ASN D 97 2.51 13.80 -28.26
C ASN D 97 2.97 12.96 -27.07
N TYR D 98 2.65 13.42 -25.86
CA TYR D 98 3.08 12.73 -24.65
C TYR D 98 2.07 11.68 -24.21
N GLY D 99 0.80 12.05 -24.16
CA GLY D 99 -0.24 11.13 -23.73
C GLY D 99 -1.42 11.15 -24.67
N GLY D 100 -2.05 10.00 -24.82
CA GLY D 100 -3.24 9.88 -25.65
C GLY D 100 -3.62 8.43 -25.83
N GLY D 101 -4.68 8.23 -26.60
CA GLY D 101 -5.15 6.91 -26.96
C GLY D 101 -6.48 6.60 -26.33
N ASN D 102 -6.84 5.32 -26.35
CA ASN D 102 -8.09 4.84 -25.77
C ASN D 102 -7.76 3.95 -24.58
N TYR D 103 -8.46 4.14 -23.48
CA TYR D 103 -8.26 3.38 -22.26
C TYR D 103 -9.56 2.65 -21.95
N GLY D 104 -9.69 1.43 -22.47
CA GLY D 104 -10.89 0.65 -22.27
C GLY D 104 -12.13 1.28 -22.88
N SER D 105 -12.02 1.77 -24.10
CA SER D 105 -13.10 2.46 -24.78
C SER D 105 -13.58 1.66 -25.97
N GLY D 106 -14.83 1.89 -26.36
CA GLY D 106 -15.40 1.19 -27.49
C GLY D 106 -15.66 -0.27 -27.24
N ASN D 107 -15.79 -0.67 -25.97
CA ASN D 107 -16.04 -2.06 -25.64
C ASN D 107 -17.45 -2.46 -26.04
N TYR D 108 -17.61 -3.72 -26.45
CA TYR D 108 -18.90 -4.32 -26.75
C TYR D 108 -19.09 -5.48 -25.80
N ASN D 109 -19.84 -5.26 -24.73
CA ASN D 109 -20.05 -6.26 -23.68
C ASN D 109 -21.53 -6.58 -23.58
N VAL D 110 -21.86 -7.86 -23.72
CA VAL D 110 -23.21 -8.36 -23.48
C VAL D 110 -23.10 -9.42 -22.40
N PHE D 111 -23.64 -9.13 -21.23
CA PHE D 111 -23.47 -9.99 -20.07
C PHE D 111 -24.82 -10.55 -19.62
N GLY D 112 -24.79 -11.77 -19.10
CA GLY D 112 -25.97 -12.39 -18.53
C GLY D 112 -25.76 -12.86 -17.11
N ASN D 113 -26.73 -12.56 -16.24
CA ASN D 113 -26.74 -13.01 -14.84
C ASN D 113 -25.56 -12.36 -14.11
N TYR D 114 -24.68 -13.13 -13.44
CA TYR D 114 -23.72 -12.57 -12.48
C TYR D 114 -22.35 -12.43 -13.14
N ASN D 115 -22.14 -11.32 -13.82
CA ASN D 115 -20.86 -11.04 -14.44
C ASN D 115 -20.19 -9.84 -13.80
N GLN D 116 -18.88 -9.94 -13.64
CA GLN D 116 -18.07 -8.88 -13.05
C GLN D 116 -16.92 -8.55 -13.98
N GLN D 117 -16.79 -7.27 -14.33
CA GLN D 117 -15.72 -6.81 -15.22
C GLN D 117 -15.04 -5.61 -14.58
N PRO D 118 -14.21 -5.84 -13.56
CA PRO D 118 -13.46 -4.74 -12.96
C PRO D 118 -12.29 -4.29 -13.82
N SER D 119 -11.99 -3.01 -13.73
CA SER D 119 -10.90 -2.42 -14.51
C SER D 119 -10.24 -1.32 -13.70
N ASN D 120 -8.91 -1.37 -13.63
CA ASN D 120 -8.12 -0.36 -12.93
C ASN D 120 -7.04 0.16 -13.87
N TYR D 121 -6.91 1.48 -13.94
CA TYR D 121 -5.88 2.13 -14.73
C TYR D 121 -5.02 2.97 -13.80
N GLY D 122 -3.70 2.73 -13.83
CA GLY D 122 -2.79 3.42 -12.96
C GLY D 122 -2.61 4.87 -13.36
N PRO D 123 -1.85 5.60 -12.54
CA PRO D 123 -1.61 7.01 -12.85
C PRO D 123 -0.86 7.17 -14.15
N MET D 124 -1.25 8.18 -14.93
CA MET D 124 -0.61 8.49 -16.20
C MET D 124 0.19 9.77 -16.04
N LYS D 125 1.49 9.68 -16.28
CA LYS D 125 2.39 10.83 -16.21
C LYS D 125 2.95 11.07 -17.61
N SER D 126 2.45 12.09 -18.29
CA SER D 126 2.86 12.41 -19.65
C SER D 126 3.39 13.83 -19.67
N GLY D 127 4.59 14.03 -20.22
CA GLY D 127 5.18 15.34 -20.31
C GLY D 127 6.61 15.40 -19.85
N ASN D 128 6.99 16.52 -19.23
CA ASN D 128 8.33 16.72 -18.71
C ASN D 128 8.26 16.76 -17.19
N PHE D 129 9.07 15.95 -16.53
CA PHE D 129 9.05 15.81 -15.09
C PHE D 129 10.45 15.98 -14.53
N GLY D 130 10.50 16.38 -13.25
CA GLY D 130 11.78 16.56 -12.59
C GLY D 130 12.65 17.64 -13.19
N GLY D 131 12.04 18.76 -13.60
CA GLY D 131 12.80 19.85 -14.17
C GLY D 131 13.49 19.50 -15.47
N SER D 132 12.76 18.86 -16.38
CA SER D 132 13.32 18.45 -17.66
C SER D 132 13.22 19.55 -18.70
N ARG D 133 14.01 19.41 -19.76
CA ARG D 133 14.04 20.37 -20.88
C ARG D 133 14.36 21.78 -20.40
N ASN D 134 15.28 21.89 -19.44
CA ASN D 134 15.69 23.18 -18.91
C ASN D 134 16.85 23.75 -19.73
N MET D 135 17.05 25.06 -19.59
CA MET D 135 18.15 25.77 -20.23
C MET D 135 19.19 26.13 -19.20
N GLY D 136 20.46 25.91 -19.54
CA GLY D 136 21.56 26.24 -18.65
C GLY D 136 21.89 27.72 -18.64
N GLY E 83 31.33 16.75 42.96
CA GLY E 83 31.46 17.75 41.91
C GLY E 83 32.08 19.04 42.39
N TYR E 84 33.20 19.41 41.78
CA TYR E 84 33.93 20.62 42.14
C TYR E 84 34.15 21.46 40.89
N GLY E 85 33.82 22.75 40.99
CA GLY E 85 33.94 23.63 39.85
C GLY E 85 35.38 23.99 39.55
N ASN E 86 35.57 24.68 38.44
CA ASN E 86 36.91 25.12 38.04
C ASN E 86 37.45 26.12 39.04
N GLN E 87 38.77 26.10 39.22
CA GLN E 87 39.43 27.01 40.15
C GLN E 87 39.73 28.37 39.50
N GLY E 88 40.49 28.36 38.41
CA GLY E 88 40.86 29.59 37.76
C GLY E 88 41.27 29.35 36.32
N GLY E 89 41.53 30.45 35.61
CA GLY E 89 41.95 30.36 34.23
C GLY E 89 42.09 31.75 33.64
N GLY E 90 42.75 31.79 32.48
CA GLY E 90 42.90 33.06 31.79
C GLY E 90 41.58 33.66 31.36
N TYR E 91 40.65 32.81 30.93
CA TYR E 91 39.30 33.22 30.60
C TYR E 91 38.33 32.62 31.63
N GLY E 92 37.04 32.88 31.45
CA GLY E 92 36.05 32.41 32.39
C GLY E 92 35.80 30.92 32.25
N GLY E 93 36.26 30.13 33.22
CA GLY E 93 36.01 28.71 33.22
C GLY E 93 34.75 28.33 33.96
N GLY E 94 33.78 27.75 33.26
CA GLY E 94 32.52 27.38 33.86
C GLY E 94 31.96 26.12 33.22
N TYR E 95 31.00 25.52 33.91
CA TYR E 95 30.34 24.30 33.43
C TYR E 95 29.16 24.69 32.53
N ASP E 96 29.51 25.12 31.32
CA ASP E 96 28.53 25.60 30.36
C ASP E 96 27.94 24.44 29.58
N ASN E 97 26.62 24.31 29.60
CA ASN E 97 25.90 23.33 28.79
C ASN E 97 25.22 24.08 27.66
N TYR E 98 25.71 23.89 26.44
CA TYR E 98 25.18 24.61 25.29
C TYR E 98 24.04 23.84 24.63
N GLY E 99 24.23 22.55 24.39
CA GLY E 99 23.22 21.74 23.76
C GLY E 99 23.02 20.42 24.48
N GLY E 100 21.77 19.96 24.47
CA GLY E 100 21.45 18.69 25.08
C GLY E 100 19.95 18.50 25.12
N GLY E 101 19.55 17.36 25.70
CA GLY E 101 18.16 17.04 25.92
C GLY E 101 17.72 15.88 25.06
N ASN E 102 16.40 15.72 24.95
CA ASN E 102 15.80 14.66 24.16
C ASN E 102 15.05 15.30 23.00
N TYR E 103 15.24 14.75 21.81
CA TYR E 103 14.59 15.25 20.59
C TYR E 103 13.72 14.13 20.04
N GLY E 104 12.46 14.09 20.48
CA GLY E 104 11.53 13.06 20.05
C GLY E 104 11.94 11.67 20.46
N SER E 105 12.37 11.52 21.71
CA SER E 105 12.86 10.25 22.23
C SER E 105 11.91 9.71 23.29
N GLY E 106 11.95 8.39 23.48
CA GLY E 106 11.10 7.76 24.46
C GLY E 106 9.64 7.76 24.10
N ASN E 107 9.31 7.89 22.82
CA ASN E 107 7.92 7.90 22.38
C ASN E 107 7.31 6.51 22.51
N TYR E 108 6.02 6.47 22.83
CA TYR E 108 5.24 5.24 22.89
C TYR E 108 4.13 5.37 21.86
N ASN E 109 4.33 4.79 20.69
CA ASN E 109 3.39 4.89 19.59
C ASN E 109 2.87 3.50 19.23
N VAL E 110 1.56 3.34 19.24
CA VAL E 110 0.90 2.13 18.76
C VAL E 110 -0.06 2.56 17.66
N PHE E 111 0.24 2.18 16.43
CA PHE E 111 -0.50 2.64 15.27
C PHE E 111 -1.20 1.47 14.59
N GLY E 112 -2.37 1.76 14.01
CA GLY E 112 -3.10 0.78 13.23
C GLY E 112 -3.43 1.27 11.84
N ASN E 113 -3.20 0.43 10.84
CA ASN E 113 -3.54 0.71 9.43
C ASN E 113 -2.69 1.88 8.94
N TYR E 114 -3.29 2.95 8.40
CA TYR E 114 -2.54 3.95 7.64
C TYR E 114 -2.28 5.17 8.51
N ASN E 115 -1.18 5.11 9.27
CA ASN E 115 -0.78 6.23 10.11
C ASN E 115 0.53 6.81 9.64
N GLN E 116 0.63 8.14 9.70
CA GLN E 116 1.83 8.86 9.30
C GLN E 116 2.24 9.78 10.43
N GLN E 117 3.49 9.68 10.85
CA GLN E 117 4.03 10.51 11.93
C GLN E 117 5.35 11.11 11.47
N PRO E 118 5.31 12.11 10.59
CA PRO E 118 6.54 12.78 10.17
C PRO E 118 7.07 13.73 11.25
N SER E 119 8.39 13.85 11.27
CA SER E 119 9.06 14.70 12.24
C SER E 119 10.29 15.33 11.61
N ASN E 120 10.43 16.65 11.76
CA ASN E 120 11.58 17.38 11.25
C ASN E 120 12.18 18.21 12.37
N TYR E 121 13.49 18.14 12.53
CA TYR E 121 14.22 18.93 13.51
C TYR E 121 15.23 19.80 12.78
N GLY E 122 15.17 21.11 13.02
CA GLY E 122 16.03 22.03 12.34
C GLY E 122 17.46 21.95 12.84
N PRO E 123 18.34 22.70 12.19
CA PRO E 123 19.75 22.70 12.60
C PRO E 123 19.91 23.21 14.02
N MET E 124 20.80 22.56 14.77
CA MET E 124 21.10 22.94 16.15
C MET E 124 22.48 23.55 16.19
N LYS E 125 22.55 24.80 16.63
CA LYS E 125 23.81 25.53 16.77
C LYS E 125 24.02 25.83 18.25
N SER E 126 24.91 25.08 18.88
CA SER E 126 25.20 25.23 20.31
C SER E 126 26.67 25.54 20.49
N GLY E 127 26.97 26.59 21.23
CA GLY E 127 28.35 26.95 21.48
C GLY E 127 28.64 28.43 21.27
N ASN E 128 29.83 28.73 20.78
CA ASN E 128 30.25 30.10 20.50
C ASN E 128 30.40 30.26 19.00
N PHE E 129 29.75 31.28 18.44
CA PHE E 129 29.70 31.49 17.00
C PHE E 129 30.10 32.93 16.69
N GLY E 130 30.59 33.13 15.47
CA GLY E 130 30.99 34.45 15.02
C GLY E 130 32.13 35.04 15.82
N GLY E 131 33.13 34.24 16.17
CA GLY E 131 34.27 34.72 16.92
C GLY E 131 33.92 35.25 18.30
N SER E 132 33.13 34.49 19.05
CA SER E 132 32.69 34.89 20.37
C SER E 132 33.70 34.46 21.43
N ARG E 133 33.60 35.09 22.61
CA ARG E 133 34.46 34.82 23.75
C ARG E 133 35.94 35.00 23.41
N ASN E 134 36.24 36.03 22.61
CA ASN E 134 37.60 36.33 22.24
C ASN E 134 38.26 37.24 23.25
N MET E 135 39.59 37.29 23.20
CA MET E 135 40.40 38.16 24.06
C MET E 135 40.97 39.29 23.23
N GLY E 136 40.90 40.50 23.77
CA GLY E 136 41.43 41.67 23.08
C GLY E 136 42.93 41.78 23.21
N GLY F 83 -33.82 -27.70 25.39
CA GLY F 83 -34.28 -28.03 24.06
C GLY F 83 -34.89 -29.42 23.96
N TYR F 84 -36.15 -29.47 23.55
CA TYR F 84 -36.89 -30.73 23.43
C TYR F 84 -37.45 -30.83 22.02
N GLY F 85 -37.23 -31.98 21.38
CA GLY F 85 -37.70 -32.17 20.02
C GLY F 85 -39.19 -32.39 19.95
N ASN F 86 -39.71 -32.43 18.72
CA ASN F 86 -41.13 -32.66 18.51
C ASN F 86 -41.52 -34.05 18.97
N GLN F 87 -42.76 -34.18 19.45
CA GLN F 87 -43.26 -35.46 19.94
C GLN F 87 -43.82 -36.31 18.80
N GLY F 88 -44.81 -35.78 18.09
CA GLY F 88 -45.44 -36.54 17.02
C GLY F 88 -46.14 -35.62 16.05
N GLY F 89 -46.65 -36.21 14.98
CA GLY F 89 -47.38 -35.46 13.98
C GLY F 89 -47.78 -36.37 12.84
N GLY F 90 -48.69 -35.85 12.01
CA GLY F 90 -49.13 -36.59 10.84
C GLY F 90 -47.99 -36.84 9.86
N TYR F 91 -47.11 -35.86 9.69
CA TYR F 91 -45.91 -35.99 8.89
C TYR F 91 -44.69 -35.94 9.80
N GLY F 92 -43.51 -36.02 9.19
CA GLY F 92 -42.28 -36.05 9.96
C GLY F 92 -41.93 -34.69 10.53
N GLY F 93 -42.08 -34.52 11.84
CA GLY F 93 -41.71 -33.28 12.49
C GLY F 93 -40.28 -33.28 12.98
N GLY F 94 -39.45 -32.39 12.45
CA GLY F 94 -38.06 -32.31 12.82
C GLY F 94 -37.56 -30.89 12.78
N TYR F 95 -36.42 -30.68 13.42
CA TYR F 95 -35.77 -29.36 13.46
C TYR F 95 -34.88 -29.20 12.24
N ASP F 96 -35.54 -28.97 11.10
CA ASP F 96 -34.86 -28.86 9.82
C ASP F 96 -34.37 -27.44 9.60
N ASN F 97 -33.07 -27.28 9.36
CA ASN F 97 -32.48 -26.00 9.00
C ASN F 97 -32.15 -26.04 7.51
N TYR F 98 -32.90 -25.29 6.71
CA TYR F 98 -32.71 -25.31 5.27
C TYR F 98 -31.69 -24.26 4.82
N GLY F 99 -31.81 -23.03 5.31
CA GLY F 99 -30.91 -21.97 4.94
C GLY F 99 -30.42 -21.20 6.15
N GLY F 100 -29.18 -20.74 6.06
CA GLY F 100 -28.61 -19.94 7.13
C GLY F 100 -27.13 -19.73 6.89
N GLY F 101 -26.51 -19.03 7.84
CA GLY F 101 -25.07 -18.81 7.83
C GLY F 101 -24.74 -17.36 7.58
N ASN F 102 -23.48 -17.11 7.26
CA ASN F 102 -22.99 -15.76 6.97
C ASN F 102 -22.59 -15.70 5.51
N TYR F 103 -23.00 -14.63 4.84
CA TYR F 103 -22.70 -14.42 3.42
C TYR F 103 -21.88 -13.14 3.30
N GLY F 104 -20.56 -13.28 3.37
CA GLY F 104 -19.67 -12.14 3.30
C GLY F 104 -19.85 -11.17 4.45
N SER F 105 -19.94 -11.69 5.66
CA SER F 105 -20.19 -10.88 6.85
C SER F 105 -18.97 -10.90 7.75
N GLY F 106 -18.85 -9.87 8.58
CA GLY F 106 -17.73 -9.78 9.51
C GLY F 106 -16.40 -9.54 8.84
N ASN F 107 -16.41 -8.99 7.63
CA ASN F 107 -15.17 -8.72 6.92
C ASN F 107 -14.41 -7.56 7.57
N TYR F 108 -13.09 -7.64 7.54
CA TYR F 108 -12.21 -6.58 8.00
C TYR F 108 -11.38 -6.13 6.81
N ASN F 109 -11.79 -5.03 6.18
CA ASN F 109 -11.15 -4.52 4.98
C ASN F 109 -10.61 -3.14 5.24
N VAL F 110 -9.32 -2.94 5.00
CA VAL F 110 -8.69 -1.62 5.06
C VAL F 110 -8.05 -1.40 3.69
N PHE F 111 -8.60 -0.46 2.92
CA PHE F 111 -8.19 -0.24 1.55
C PHE F 111 -7.56 1.13 1.39
N GLY F 112 -6.60 1.22 0.48
CA GLY F 112 -5.99 2.49 0.14
C GLY F 112 -6.03 2.77 -1.35
N ASN F 113 -6.41 4.01 -1.70
CA ASN F 113 -6.44 4.49 -3.09
C ASN F 113 -7.47 3.68 -3.87
N TYR F 114 -7.13 3.08 -5.00
CA TYR F 114 -8.11 2.55 -5.95
C TYR F 114 -8.28 1.05 -5.77
N ASN F 115 -9.15 0.68 -4.83
CA ASN F 115 -9.44 -0.73 -4.60
C ASN F 115 -10.88 -1.05 -4.95
N GLN F 116 -11.08 -2.22 -5.53
CA GLN F 116 -12.40 -2.70 -5.93
C GLN F 116 -12.63 -4.08 -5.36
N GLN F 117 -13.72 -4.25 -4.64
CA GLN F 117 -14.07 -5.54 -4.03
C GLN F 117 -15.51 -5.87 -4.39
N PRO F 118 -15.76 -6.30 -5.62
CA PRO F 118 -17.12 -6.70 -6.00
C PRO F 118 -17.47 -8.08 -5.44
N SER F 119 -18.75 -8.26 -5.17
CA SER F 119 -19.25 -9.52 -4.61
C SER F 119 -20.65 -9.78 -5.15
N ASN F 120 -20.87 -10.99 -5.64
CA ASN F 120 -22.16 -11.42 -6.15
C ASN F 120 -22.55 -12.73 -5.49
N TYR F 121 -23.79 -12.79 -4.99
CA TYR F 121 -24.33 -14.00 -4.39
C TYR F 121 -25.55 -14.43 -5.19
N GLY F 122 -25.56 -15.68 -5.65
CA GLY F 122 -26.63 -16.16 -6.47
C GLY F 122 -27.89 -16.40 -5.66
N PRO F 123 -28.98 -16.76 -6.36
CA PRO F 123 -30.24 -17.02 -5.67
C PRO F 123 -30.12 -18.19 -4.69
N MET F 124 -30.73 -18.04 -3.53
CA MET F 124 -30.74 -19.08 -2.50
C MET F 124 -32.13 -19.68 -2.44
N LYS F 125 -32.21 -20.99 -2.66
CA LYS F 125 -33.45 -21.74 -2.60
C LYS F 125 -33.34 -22.75 -1.47
N SER F 126 -33.99 -22.46 -0.36
CA SER F 126 -33.94 -23.32 0.83
C SER F 126 -35.35 -23.74 1.18
N GLY F 127 -35.57 -25.03 1.36
CA GLY F 127 -36.88 -25.53 1.72
C GLY F 127 -37.34 -26.70 0.88
N ASN F 128 -38.64 -26.76 0.61
CA ASN F 128 -39.23 -27.82 -0.20
C ASN F 128 -39.74 -27.19 -1.49
N PHE F 129 -39.34 -27.77 -2.62
CA PHE F 129 -39.65 -27.24 -3.93
C PHE F 129 -40.24 -28.33 -4.80
N GLY F 130 -41.01 -27.90 -5.80
CA GLY F 130 -41.62 -28.84 -6.73
C GLY F 130 -42.59 -29.80 -6.08
N GLY F 131 -43.40 -29.33 -5.14
CA GLY F 131 -44.38 -30.17 -4.48
C GLY F 131 -43.77 -31.30 -3.68
N SER F 132 -42.76 -30.99 -2.88
CA SER F 132 -42.06 -31.99 -2.08
C SER F 132 -42.76 -32.20 -0.74
N ARG F 133 -42.44 -33.32 -0.11
CA ARG F 133 -42.98 -33.70 1.20
C ARG F 133 -44.51 -33.74 1.18
N ASN F 134 -45.08 -34.24 0.09
CA ASN F 134 -46.52 -34.37 -0.04
C ASN F 134 -47.00 -35.70 0.51
N MET F 135 -48.30 -35.76 0.79
CA MET F 135 -48.95 -36.98 1.26
C MET F 135 -49.81 -37.56 0.15
N GLY F 136 -49.72 -38.88 -0.03
CA GLY F 136 -50.51 -39.55 -1.05
C GLY F 136 -51.95 -39.78 -0.63
N GLY G 83 4.48 13.32 -45.87
CA GLY G 83 5.32 13.27 -44.68
C GLY G 83 6.74 13.74 -44.94
N TYR G 84 7.16 14.79 -44.23
CA TYR G 84 8.49 15.36 -44.37
C TYR G 84 9.16 15.41 -43.01
N GLY G 85 10.40 14.91 -42.94
CA GLY G 85 11.11 14.88 -41.67
C GLY G 85 11.60 16.25 -41.25
N ASN G 86 12.14 16.31 -40.04
CA ASN G 86 12.68 17.56 -39.52
C ASN G 86 13.89 18.00 -40.34
N GLN G 87 14.06 19.31 -40.44
CA GLN G 87 15.18 19.88 -41.20
C GLN G 87 16.44 19.97 -40.35
N GLY G 88 16.37 20.69 -39.23
CA GLY G 88 17.53 20.87 -38.39
C GLY G 88 17.14 21.25 -36.99
N GLY G 89 18.13 21.33 -36.12
CA GLY G 89 17.90 21.72 -34.74
C GLY G 89 19.19 21.66 -33.96
N GLY G 90 19.15 22.27 -32.77
CA GLY G 90 20.30 22.23 -31.89
C GLY G 90 20.66 20.82 -31.45
N TYR G 91 19.66 19.99 -31.21
CA TYR G 91 19.82 18.58 -30.89
C TYR G 91 19.26 17.75 -32.04
N GLY G 92 19.34 16.43 -31.89
CA GLY G 92 18.87 15.54 -32.94
C GLY G 92 17.37 15.49 -33.03
N GLY G 93 16.80 16.08 -34.07
CA GLY G 93 15.37 16.02 -34.29
C GLY G 93 14.96 14.85 -35.14
N GLY G 94 14.16 13.95 -34.58
CA GLY G 94 13.72 12.77 -35.30
C GLY G 94 12.32 12.37 -34.87
N TYR G 95 11.70 11.51 -35.69
CA TYR G 95 10.36 11.01 -35.42
C TYR G 95 10.46 9.77 -34.54
N ASP G 96 10.74 10.01 -33.27
CA ASP G 96 10.95 8.93 -32.30
C ASP G 96 9.62 8.49 -31.73
N ASN G 97 9.32 7.20 -31.85
CA ASN G 97 8.15 6.59 -31.22
C ASN G 97 8.63 5.77 -30.02
N TYR G 98 8.33 6.25 -28.82
CA TYR G 98 8.79 5.59 -27.61
C TYR G 98 7.79 4.53 -27.12
N GLY G 99 6.53 4.89 -27.06
CA GLY G 99 5.50 3.98 -26.60
C GLY G 99 4.30 3.98 -27.52
N GLY G 100 3.67 2.81 -27.64
CA GLY G 100 2.48 2.68 -28.44
C GLY G 100 2.10 1.22 -28.58
N GLY G 101 1.03 0.99 -29.34
CA GLY G 101 0.57 -0.33 -29.68
C GLY G 101 -0.75 -0.65 -29.01
N ASN G 102 -1.11 -1.93 -29.00
CA ASN G 102 -2.34 -2.41 -28.39
C ASN G 102 -1.98 -3.27 -27.20
N TYR G 103 -2.67 -3.06 -26.09
CA TYR G 103 -2.44 -3.80 -24.86
C TYR G 103 -3.74 -4.54 -24.52
N GLY G 104 -3.87 -5.76 -25.02
CA GLY G 104 -5.05 -6.56 -24.78
C GLY G 104 -6.30 -5.94 -25.37
N SER G 105 -6.21 -5.47 -26.61
CA SER G 105 -7.32 -4.80 -27.28
C SER G 105 -7.81 -5.63 -28.45
N GLY G 106 -9.07 -5.40 -28.83
CA GLY G 106 -9.66 -6.13 -29.93
C GLY G 106 -9.90 -7.59 -29.65
N ASN G 107 -10.01 -7.97 -28.38
CA ASN G 107 -10.24 -9.36 -28.02
C ASN G 107 -11.66 -9.78 -28.38
N TYR G 108 -11.80 -11.03 -28.77
CA TYR G 108 -13.10 -11.65 -29.05
C TYR G 108 -13.27 -12.80 -28.06
N ASN G 109 -14.00 -12.56 -26.97
CA ASN G 109 -14.18 -13.54 -25.93
C ASN G 109 -15.65 -13.87 -25.79
N VAL G 110 -15.98 -15.16 -25.89
CA VAL G 110 -17.33 -15.66 -25.63
C VAL G 110 -17.19 -16.71 -24.53
N PHE G 111 -17.71 -16.41 -23.35
CA PHE G 111 -17.52 -17.24 -22.18
C PHE G 111 -18.85 -17.80 -21.71
N GLY G 112 -18.80 -19.01 -21.16
CA GLY G 112 -19.97 -19.63 -20.56
C GLY G 112 -19.74 -20.08 -19.14
N ASN G 113 -20.68 -19.77 -18.26
CA ASN G 113 -20.66 -20.19 -16.85
C ASN G 113 -19.48 -19.53 -16.16
N TYR G 114 -18.59 -20.27 -15.49
CA TYR G 114 -17.62 -19.69 -14.56
C TYR G 114 -16.26 -19.57 -15.24
N ASN G 115 -16.07 -18.45 -15.94
CA ASN G 115 -14.80 -18.18 -16.59
C ASN G 115 -14.13 -16.96 -15.97
N GLN G 116 -12.80 -17.05 -15.83
CA GLN G 116 -12.01 -15.97 -15.28
C GLN G 116 -10.87 -15.65 -16.24
N GLN G 117 -10.76 -14.38 -16.61
CA GLN G 117 -9.71 -13.92 -17.52
C GLN G 117 -9.02 -12.71 -16.91
N PRO G 118 -8.18 -12.91 -15.91
CA PRO G 118 -7.43 -11.79 -15.33
C PRO G 118 -6.28 -11.37 -16.22
N SER G 119 -5.98 -10.07 -16.17
CA SER G 119 -4.91 -9.49 -16.97
C SER G 119 -4.23 -8.38 -16.20
N ASN G 120 -2.91 -8.41 -16.14
CA ASN G 120 -2.11 -7.39 -15.47
C ASN G 120 -1.06 -6.87 -16.44
N TYR G 121 -0.94 -5.55 -16.53
CA TYR G 121 0.08 -4.91 -17.35
C TYR G 121 0.95 -4.05 -16.45
N GLY G 122 2.27 -4.27 -16.50
CA GLY G 122 3.18 -3.57 -15.66
C GLY G 122 3.35 -2.13 -16.09
N PRO G 123 4.12 -1.38 -15.29
CA PRO G 123 4.35 0.03 -15.63
C PRO G 123 5.08 0.18 -16.95
N MET G 124 4.66 1.17 -17.73
CA MET G 124 5.28 1.45 -19.02
C MET G 124 6.08 2.75 -18.89
N LYS G 125 7.37 2.67 -19.16
CA LYS G 125 8.26 3.82 -19.13
C LYS G 125 8.80 4.04 -20.53
N SER G 126 8.28 5.05 -21.22
CA SER G 126 8.67 5.35 -22.59
C SER G 126 9.19 6.77 -22.64
N GLY G 127 10.37 6.95 -23.23
CA GLY G 127 10.94 8.28 -23.34
C GLY G 127 12.38 8.35 -22.91
N ASN G 128 12.76 9.49 -22.31
CA ASN G 128 14.11 9.71 -21.82
C ASN G 128 14.07 9.78 -20.31
N PHE G 129 14.91 8.98 -19.65
CA PHE G 129 14.90 8.86 -18.20
C PHE G 129 16.31 9.06 -17.67
N GLY G 130 16.38 9.47 -16.40
CA GLY G 130 17.67 9.68 -15.76
C GLY G 130 18.52 10.75 -16.39
N GLY G 131 17.91 11.85 -16.81
CA GLY G 131 18.64 12.95 -17.42
C GLY G 131 19.31 12.58 -18.72
N SER G 132 18.58 11.92 -19.61
CA SER G 132 19.11 11.48 -20.89
C SER G 132 18.98 12.57 -21.94
N ARG G 133 19.76 12.42 -23.02
CA ARG G 133 19.76 13.35 -24.14
C ARG G 133 20.08 14.78 -23.70
N ASN G 134 21.01 14.91 -22.75
CA ASN G 134 21.42 16.22 -22.26
C ASN G 134 22.56 16.78 -23.11
N MET G 135 22.75 18.09 -22.98
CA MET G 135 23.84 18.79 -23.67
C MET G 135 24.90 19.18 -22.65
N GLY G 136 26.16 18.97 -23.01
CA GLY G 136 27.28 19.32 -22.14
C GLY G 136 27.59 20.80 -22.18
N GLY H 83 38.17 10.94 39.43
CA GLY H 83 38.26 11.92 38.37
C GLY H 83 38.88 13.23 38.81
N TYR H 84 40.00 13.59 38.18
CA TYR H 84 40.72 14.80 38.51
C TYR H 84 40.90 15.63 37.24
N GLY H 85 40.57 16.92 37.33
CA GLY H 85 40.68 17.78 36.16
C GLY H 85 42.10 18.15 35.84
N ASN H 86 42.26 18.83 34.71
CA ASN H 86 43.59 19.26 34.28
C ASN H 86 44.15 20.29 35.26
N GLN H 87 45.47 20.28 35.40
CA GLN H 87 46.14 21.21 36.31
C GLN H 87 46.42 22.55 35.64
N GLY H 88 47.16 22.53 34.53
CA GLY H 88 47.51 23.76 33.85
C GLY H 88 47.89 23.50 32.41
N GLY H 89 48.13 24.58 31.68
CA GLY H 89 48.54 24.48 30.30
C GLY H 89 48.65 25.85 29.69
N GLY H 90 49.29 25.88 28.51
CA GLY H 90 49.43 27.14 27.79
C GLY H 90 48.09 27.72 27.38
N TYR H 91 47.16 26.86 26.98
CA TYR H 91 45.80 27.25 26.67
C TYR H 91 44.86 26.66 27.72
N GLY H 92 43.56 26.91 27.56
CA GLY H 92 42.58 26.45 28.52
C GLY H 92 42.34 24.96 28.41
N GLY H 93 42.83 24.19 29.38
CA GLY H 93 42.58 22.76 29.42
C GLY H 93 41.34 22.39 30.19
N GLY H 94 40.37 21.80 29.51
CA GLY H 94 39.12 21.42 30.14
C GLY H 94 38.56 20.15 29.53
N TYR H 95 37.61 19.55 30.25
CA TYR H 95 36.95 18.32 29.79
C TYR H 95 35.76 18.69 28.91
N ASP H 96 36.08 19.09 27.69
CA ASP H 96 35.08 19.57 26.74
C ASP H 96 34.49 18.38 25.99
N ASN H 97 33.17 18.24 26.04
CA ASN H 97 32.45 17.25 25.25
C ASN H 97 31.74 17.97 24.13
N TYR H 98 32.21 17.76 22.90
CA TYR H 98 31.65 18.46 21.74
C TYR H 98 30.50 17.67 21.11
N GLY H 99 30.71 16.38 20.90
CA GLY H 99 29.69 15.55 20.29
C GLY H 99 29.51 14.25 21.04
N GLY H 100 28.28 13.77 21.06
CA GLY H 100 27.96 12.51 21.70
C GLY H 100 26.47 12.30 21.76
N GLY H 101 26.08 11.18 22.38
CA GLY H 101 24.70 10.85 22.62
C GLY H 101 24.26 9.68 21.79
N ASN H 102 22.94 9.49 21.70
CA ASN H 102 22.33 8.43 20.94
C ASN H 102 21.56 9.03 19.78
N TYR H 103 21.73 8.46 18.59
CA TYR H 103 21.05 8.94 17.39
C TYR H 103 20.18 7.80 16.87
N GLY H 104 18.93 7.77 17.33
CA GLY H 104 18.01 6.73 16.93
C GLY H 104 18.44 5.34 17.36
N SER H 105 18.88 5.22 18.61
CA SER H 105 19.38 3.96 19.15
C SER H 105 18.46 3.43 20.23
N GLY H 106 18.52 2.12 20.43
CA GLY H 106 17.68 1.49 21.44
C GLY H 106 16.21 1.48 21.11
N ASN H 107 15.87 1.58 19.82
CA ASN H 107 14.48 1.57 19.41
C ASN H 107 13.87 0.19 19.58
N TYR H 108 12.59 0.16 19.92
CA TYR H 108 11.82 -1.08 20.01
C TYR H 108 10.69 -0.97 19.00
N ASN H 109 10.87 -1.59 17.83
CA ASN H 109 9.90 -1.51 16.75
C ASN H 109 9.40 -2.90 16.42
N VAL H 110 8.09 -3.08 16.46
CA VAL H 110 7.42 -4.30 16.00
C VAL H 110 6.45 -3.90 14.92
N PHE H 111 6.72 -4.30 13.68
CA PHE H 111 5.96 -3.86 12.53
C PHE H 111 5.26 -5.03 11.88
N GLY H 112 4.08 -4.77 11.33
CA GLY H 112 3.35 -5.76 10.58
C GLY H 112 2.99 -5.30 9.17
N ASN H 113 3.20 -6.16 8.18
CA ASN H 113 2.84 -5.91 6.79
C ASN H 113 3.67 -4.74 6.26
N TYR H 114 3.06 -3.69 5.70
CA TYR H 114 3.78 -2.69 4.92
C TYR H 114 4.06 -1.45 5.77
N ASN H 115 5.16 -1.49 6.51
CA ASN H 115 5.57 -0.36 7.33
C ASN H 115 6.88 0.22 6.82
N GLN H 116 6.96 1.55 6.85
CA GLN H 116 8.14 2.28 6.42
C GLN H 116 8.57 3.23 7.53
N GLN H 117 9.83 3.14 7.94
CA GLN H 117 10.39 3.99 8.98
C GLN H 117 11.69 4.59 8.49
N PRO H 118 11.63 5.57 7.60
CA PRO H 118 12.84 6.24 7.16
C PRO H 118 13.38 7.21 8.20
N SER H 119 14.71 7.35 8.19
CA SER H 119 15.38 8.22 9.14
C SER H 119 16.60 8.85 8.48
N ASN H 120 16.74 10.16 8.61
CA ASN H 120 17.87 10.90 8.06
C ASN H 120 18.48 11.76 9.16
N TYR H 121 19.80 11.69 9.30
CA TYR H 121 20.53 12.50 10.25
C TYR H 121 21.52 13.37 9.49
N GLY H 122 21.46 14.67 9.71
CA GLY H 122 22.30 15.59 9.00
C GLY H 122 23.73 15.53 9.47
N PRO H 123 24.61 16.28 8.80
CA PRO H 123 26.02 16.29 9.19
C PRO H 123 26.20 16.83 10.60
N MET H 124 27.10 16.19 11.34
CA MET H 124 27.42 16.60 12.69
C MET H 124 28.81 17.24 12.70
N LYS H 125 28.88 18.49 13.13
CA LYS H 125 30.14 19.22 13.23
C LYS H 125 30.37 19.56 14.70
N SER H 126 31.28 18.82 15.33
CA SER H 126 31.58 18.99 16.75
C SER H 126 33.05 19.32 16.90
N GLY H 127 33.36 20.38 17.62
CA GLY H 127 34.74 20.76 17.85
C GLY H 127 35.01 22.23 17.60
N ASN H 128 36.20 22.54 17.08
CA ASN H 128 36.60 23.90 16.77
C ASN H 128 36.72 24.03 15.26
N PHE H 129 36.06 25.04 14.71
CA PHE H 129 35.99 25.23 13.27
C PHE H 129 36.37 26.66 12.92
N GLY H 130 36.84 26.84 11.69
CA GLY H 130 37.22 28.17 11.22
C GLY H 130 38.37 28.78 11.99
N GLY H 131 39.38 27.98 12.33
CA GLY H 131 40.53 28.49 13.05
C GLY H 131 40.19 29.04 14.42
N SER H 132 39.42 28.28 15.19
CA SER H 132 39.01 28.71 16.53
C SER H 132 40.04 28.30 17.57
N ARG H 133 39.95 28.95 18.74
CA ARG H 133 40.83 28.70 19.88
C ARG H 133 42.30 28.89 19.50
N ASN H 134 42.58 29.90 18.69
CA ASN H 134 43.94 30.20 18.28
C ASN H 134 44.62 31.15 19.27
N MET H 135 45.94 31.19 19.20
CA MET H 135 46.75 32.08 20.03
C MET H 135 47.31 33.20 19.16
N GLY H 136 47.23 34.42 19.68
CA GLY H 136 47.74 35.58 18.98
C GLY H 136 49.26 35.71 19.07
N GLY I 83 -26.97 -34.25 23.74
CA GLY I 83 -27.43 -34.61 22.41
C GLY I 83 -28.05 -36.00 22.36
N TYR I 84 -29.31 -36.06 21.97
CA TYR I 84 -30.04 -37.33 21.88
C TYR I 84 -30.63 -37.46 20.48
N GLY I 85 -30.42 -38.62 19.86
CA GLY I 85 -30.90 -38.83 18.52
C GLY I 85 -32.40 -39.06 18.47
N ASN I 86 -32.93 -39.13 17.25
CA ASN I 86 -34.35 -39.37 17.06
C ASN I 86 -34.72 -40.76 17.56
N GLN I 87 -35.95 -40.88 18.06
CA GLN I 87 -36.44 -42.16 18.58
C GLN I 87 -37.01 -43.03 17.47
N GLY I 88 -38.02 -42.53 16.76
CA GLY I 88 -38.65 -43.31 15.71
C GLY I 88 -39.39 -42.41 14.74
N GLY I 89 -39.90 -43.03 13.69
CA GLY I 89 -40.66 -42.30 12.69
C GLY I 89 -41.07 -43.22 11.57
N GLY I 90 -42.00 -42.72 10.75
CA GLY I 90 -42.44 -43.49 9.59
C GLY I 90 -41.33 -43.74 8.60
N TYR I 91 -40.46 -42.76 8.41
CA TYR I 91 -39.27 -42.89 7.58
C TYR I 91 -38.03 -42.82 8.48
N GLY I 92 -36.86 -42.90 7.86
CA GLY I 92 -35.63 -42.92 8.60
C GLY I 92 -35.28 -41.54 9.14
N GLY I 93 -35.41 -41.35 10.44
CA GLY I 93 -35.03 -40.10 11.08
C GLY I 93 -33.60 -40.08 11.54
N GLY I 94 -32.78 -39.19 10.97
CA GLY I 94 -31.39 -39.10 11.33
C GLY I 94 -30.89 -37.67 11.25
N TYR I 95 -29.74 -37.44 11.86
CA TYR I 95 -29.11 -36.12 11.88
C TYR I 95 -28.24 -35.97 10.63
N ASP I 96 -28.91 -35.77 9.50
CA ASP I 96 -28.25 -35.68 8.20
C ASP I 96 -27.78 -34.25 7.96
N ASN I 97 -26.48 -34.09 7.69
CA ASN I 97 -25.91 -32.81 7.30
C ASN I 97 -25.61 -32.88 5.81
N TYR I 98 -26.37 -32.14 5.01
CA TYR I 98 -26.21 -32.18 3.56
C TYR I 98 -25.20 -31.14 3.08
N GLY I 99 -25.33 -29.91 3.56
CA GLY I 99 -24.44 -28.84 3.15
C GLY I 99 -23.94 -28.05 4.33
N GLY I 100 -22.70 -27.58 4.21
CA GLY I 100 -22.11 -26.77 5.26
C GLY I 100 -20.64 -26.54 4.99
N GLY I 101 -20.00 -25.83 5.92
CA GLY I 101 -18.58 -25.59 5.88
C GLY I 101 -18.27 -24.14 5.60
N ASN I 102 -17.01 -23.89 5.26
CA ASN I 102 -16.53 -22.55 4.94
C ASN I 102 -16.16 -22.51 3.47
N TYR I 103 -16.59 -21.46 2.78
CA TYR I 103 -16.32 -21.27 1.36
C TYR I 103 -15.51 -19.98 1.21
N GLY I 104 -14.18 -20.11 1.25
CA GLY I 104 -13.30 -18.96 1.15
C GLY I 104 -13.47 -17.98 2.28
N SER I 105 -13.54 -18.48 3.51
CA SER I 105 -13.77 -17.64 4.68
C SER I 105 -12.53 -17.65 5.57
N GLY I 106 -12.41 -16.59 6.38
CA GLY I 106 -11.28 -16.49 7.28
C GLY I 106 -9.95 -16.25 6.59
N ASN I 107 -9.99 -15.71 5.37
CA ASN I 107 -8.77 -15.45 4.64
C ASN I 107 -8.01 -14.28 5.25
N TYR I 108 -6.68 -14.35 5.20
CA TYR I 108 -5.80 -13.28 5.63
C TYR I 108 -5.00 -12.84 4.41
N ASN I 109 -5.43 -11.75 3.77
CA ASN I 109 -4.81 -11.27 2.55
C ASN I 109 -4.27 -9.86 2.78
N VAL I 110 -2.99 -9.67 2.52
CA VAL I 110 -2.36 -8.35 2.53
C VAL I 110 -1.76 -8.15 1.15
N PHE I 111 -2.32 -7.21 0.38
CA PHE I 111 -1.94 -7.02 -1.00
C PHE I 111 -1.33 -5.65 -1.20
N GLY I 112 -0.37 -5.57 -2.12
CA GLY I 112 0.22 -4.31 -2.50
C GLY I 112 0.15 -4.04 -3.98
N ASN I 113 -0.24 -2.82 -4.36
CA ASN I 113 -0.29 -2.36 -5.75
C ASN I 113 -1.34 -3.18 -6.50
N TYR I 114 -1.01 -3.81 -7.63
CA TYR I 114 -2.01 -4.35 -8.55
C TYR I 114 -2.16 -5.85 -8.33
N ASN I 115 -3.01 -6.21 -7.38
CA ASN I 115 -3.29 -7.62 -7.12
C ASN I 115 -4.74 -7.96 -7.44
N GLN I 116 -4.93 -9.14 -8.00
CA GLN I 116 -6.26 -9.63 -8.37
C GLN I 116 -6.46 -11.00 -7.76
N GLN I 117 -7.55 -11.17 -7.03
CA GLN I 117 -7.88 -12.45 -6.39
C GLN I 117 -9.32 -12.80 -6.71
N PRO I 118 -9.59 -13.24 -7.94
CA PRO I 118 -10.95 -13.67 -8.28
C PRO I 118 -11.27 -15.04 -7.71
N SER I 119 -12.56 -15.23 -7.40
CA SER I 119 -13.04 -16.48 -6.81
C SER I 119 -14.44 -16.76 -7.32
N ASN I 120 -14.66 -17.99 -7.79
CA ASN I 120 -15.97 -18.42 -8.27
C ASN I 120 -16.33 -19.72 -7.57
N TYR I 121 -17.55 -19.80 -7.06
CA TYR I 121 -18.08 -21.00 -6.43
C TYR I 121 -19.31 -21.44 -7.19
N GLY I 122 -19.32 -22.70 -7.64
CA GLY I 122 -20.40 -23.20 -8.42
C GLY I 122 -21.65 -23.44 -7.59
N PRO I 123 -22.73 -23.82 -8.27
CA PRO I 123 -23.98 -24.08 -7.55
C PRO I 123 -23.83 -25.22 -6.57
N MET I 124 -24.44 -25.06 -5.39
CA MET I 124 -24.42 -26.07 -4.34
C MET I 124 -25.80 -26.69 -4.24
N LYS I 125 -25.87 -28.00 -4.46
CA LYS I 125 -27.12 -28.75 -4.36
C LYS I 125 -26.97 -29.75 -3.22
N SER I 126 -27.61 -29.45 -2.09
CA SER I 126 -27.53 -30.28 -0.90
C SER I 126 -28.94 -30.70 -0.51
N GLY I 127 -29.14 -32.01 -0.30
CA GLY I 127 -30.44 -32.50 0.10
C GLY I 127 -30.90 -33.68 -0.72
N ASN I 128 -32.21 -33.76 -0.97
CA ASN I 128 -32.81 -34.84 -1.75
C ASN I 128 -33.35 -34.24 -3.04
N PHE I 129 -32.95 -34.84 -4.17
CA PHE I 129 -33.29 -34.31 -5.48
C PHE I 129 -33.89 -35.43 -6.33
N GLY I 130 -34.69 -35.02 -7.32
CA GLY I 130 -35.31 -35.99 -8.21
C GLY I 130 -36.26 -36.94 -7.53
N GLY I 131 -37.05 -36.45 -6.59
CA GLY I 131 -38.01 -37.29 -5.90
C GLY I 131 -37.39 -38.40 -5.09
N SER I 132 -36.36 -38.07 -4.32
CA SER I 132 -35.65 -39.06 -3.51
C SER I 132 -36.31 -39.24 -2.16
N ARG I 133 -35.97 -40.36 -1.51
CA ARG I 133 -36.49 -40.72 -0.19
C ARG I 133 -38.01 -40.77 -0.18
N ASN I 134 -38.60 -41.30 -1.25
CA ASN I 134 -40.04 -41.42 -1.35
C ASN I 134 -40.51 -42.76 -0.77
N MET I 135 -41.81 -42.82 -0.48
CA MET I 135 -42.44 -44.03 0.03
C MET I 135 -43.31 -44.64 -1.06
N GLY I 136 -43.21 -45.96 -1.22
CA GLY I 136 -44.01 -46.66 -2.21
C GLY I 136 -45.45 -46.89 -1.76
N GLY J 83 -3.53 24.55 -41.33
CA GLY J 83 -2.72 24.46 -40.13
C GLY J 83 -1.29 24.91 -40.33
N TYR J 84 -0.89 25.93 -39.58
CA TYR J 84 0.46 26.50 -39.68
C TYR J 84 1.09 26.50 -38.30
N GLY J 85 2.32 26.00 -38.21
CA GLY J 85 2.99 25.93 -36.93
C GLY J 85 3.49 27.28 -36.46
N ASN J 86 4.00 27.29 -35.23
CA ASN J 86 4.54 28.53 -34.67
C ASN J 86 5.77 28.98 -35.45
N GLN J 87 5.95 30.30 -35.51
CA GLN J 87 7.10 30.87 -36.22
C GLN J 87 8.34 30.92 -35.34
N GLY J 88 8.25 31.61 -34.21
CA GLY J 88 9.40 31.76 -33.34
C GLY J 88 8.96 32.12 -31.93
N GLY J 89 9.95 32.16 -31.04
CA GLY J 89 9.68 32.52 -29.66
C GLY J 89 10.95 32.42 -28.84
N GLY J 90 10.88 32.99 -27.64
CA GLY J 90 12.01 32.92 -26.73
C GLY J 90 12.34 31.50 -26.32
N TYR J 91 11.31 30.68 -26.12
CA TYR J 91 11.47 29.26 -25.84
C TYR J 91 10.93 28.46 -27.03
N GLY J 92 10.98 27.14 -26.91
CA GLY J 92 10.55 26.28 -27.99
C GLY J 92 9.04 26.24 -28.11
N GLY J 93 8.50 26.87 -29.15
CA GLY J 93 7.07 26.84 -29.42
C GLY J 93 6.68 25.69 -30.31
N GLY J 94 5.86 24.78 -29.78
CA GLY J 94 5.42 23.63 -30.55
C GLY J 94 4.00 23.22 -30.17
N TYR J 95 3.40 22.41 -31.02
CA TYR J 95 2.05 21.90 -30.80
C TYR J 95 2.11 20.63 -29.95
N ASP J 96 2.36 20.84 -28.66
CA ASP J 96 2.54 19.75 -27.72
C ASP J 96 1.18 19.31 -27.19
N ASN J 97 0.88 18.02 -27.34
CA ASN J 97 -0.31 17.40 -26.77
C ASN J 97 0.13 16.55 -25.58
N TYR J 98 -0.20 17.00 -24.37
CA TYR J 98 0.23 16.30 -23.17
C TYR J 98 -0.79 15.25 -22.74
N GLY J 99 -2.06 15.62 -22.70
CA GLY J 99 -3.10 14.70 -22.29
C GLY J 99 -4.30 14.74 -23.23
N GLY J 100 -4.92 13.58 -23.40
CA GLY J 100 -6.09 13.49 -24.24
C GLY J 100 -6.49 12.04 -24.43
N GLY J 101 -7.54 11.84 -25.22
CA GLY J 101 -8.00 10.52 -25.59
C GLY J 101 -9.34 10.22 -24.97
N ASN J 102 -9.70 8.94 -25.01
CA ASN J 102 -10.96 8.45 -24.44
C ASN J 102 -10.64 7.55 -23.27
N TYR J 103 -11.35 7.75 -22.17
CA TYR J 103 -11.17 6.97 -20.95
C TYR J 103 -12.48 6.24 -20.66
N GLY J 104 -12.61 5.03 -21.20
CA GLY J 104 -13.82 4.24 -21.01
C GLY J 104 -15.04 4.88 -21.62
N SER J 105 -14.91 5.39 -22.84
CA SER J 105 -15.98 6.09 -23.51
C SER J 105 -16.47 5.29 -24.72
N GLY J 106 -17.71 5.54 -25.12
CA GLY J 106 -18.27 4.85 -26.26
C GLY J 106 -18.54 3.38 -26.02
N ASN J 107 -18.68 2.98 -24.77
CA ASN J 107 -18.94 1.58 -24.45
C ASN J 107 -20.35 1.18 -24.85
N TYR J 108 -20.50 -0.06 -25.28
CA TYR J 108 -21.80 -0.65 -25.60
C TYR J 108 -22.00 -1.83 -24.66
N ASN J 109 -22.76 -1.60 -23.58
CA ASN J 109 -22.97 -2.62 -22.56
C ASN J 109 -24.46 -2.93 -22.47
N VAL J 110 -24.79 -4.21 -22.62
CA VAL J 110 -26.15 -4.71 -22.40
C VAL J 110 -26.05 -5.78 -21.33
N PHE J 111 -26.60 -5.50 -20.15
CA PHE J 111 -26.45 -6.36 -19.00
C PHE J 111 -27.79 -6.92 -18.58
N GLY J 112 -27.77 -8.15 -18.06
CA GLY J 112 -28.96 -8.76 -17.51
C GLY J 112 -28.77 -9.25 -16.09
N ASN J 113 -29.75 -8.96 -15.23
CA ASN J 113 -29.76 -9.41 -13.82
C ASN J 113 -28.59 -8.78 -13.08
N TYR J 114 -27.72 -9.55 -12.42
CA TYR J 114 -26.77 -9.01 -11.44
C TYR J 114 -25.40 -8.87 -12.08
N ASN J 115 -25.17 -7.75 -12.75
CA ASN J 115 -23.89 -7.47 -13.37
C ASN J 115 -23.22 -6.28 -12.70
N GLN J 116 -21.90 -6.38 -12.53
CA GLN J 116 -21.10 -5.33 -11.93
C GLN J 116 -19.94 -5.00 -12.85
N GLN J 117 -19.81 -3.72 -13.19
CA GLN J 117 -18.73 -3.25 -14.06
C GLN J 117 -18.05 -2.05 -13.40
N PRO J 118 -17.23 -2.30 -12.39
CA PRO J 118 -16.48 -1.21 -11.76
C PRO J 118 -15.30 -0.76 -12.62
N SER J 119 -14.99 0.53 -12.51
CA SER J 119 -13.90 1.11 -13.27
C SER J 119 -13.23 2.21 -12.45
N ASN J 120 -11.91 2.16 -12.37
CA ASN J 120 -11.12 3.15 -11.65
C ASN J 120 -10.04 3.68 -12.58
N TYR J 121 -9.89 5.00 -12.63
CA TYR J 121 -8.86 5.65 -13.42
C TYR J 121 -8.00 6.48 -12.47
N GLY J 122 -6.68 6.24 -12.50
CA GLY J 122 -5.79 6.90 -11.60
C GLY J 122 -5.58 8.36 -11.99
N PRO J 123 -4.84 9.08 -11.15
CA PRO J 123 -4.59 10.50 -11.45
C PRO J 123 -3.82 10.66 -12.75
N MET J 124 -4.20 11.68 -13.51
CA MET J 124 -3.56 12.00 -14.78
C MET J 124 -2.75 13.28 -14.61
N LYS J 125 -1.44 13.19 -14.84
CA LYS J 125 -0.54 14.33 -14.75
C LYS J 125 0.03 14.58 -16.14
N SER J 126 -0.46 15.61 -16.81
CA SER J 126 -0.03 15.94 -18.16
C SER J 126 0.50 17.36 -18.17
N GLY J 127 1.70 17.55 -18.71
CA GLY J 127 2.29 18.86 -18.78
C GLY J 127 3.73 18.92 -18.31
N ASN J 128 4.10 20.03 -17.68
CA ASN J 128 5.44 20.22 -17.14
C ASN J 128 5.35 20.25 -15.63
N PHE J 129 6.16 19.44 -14.97
CA PHE J 129 6.12 19.28 -13.53
C PHE J 129 7.52 19.44 -12.95
N GLY J 130 7.56 19.83 -11.68
CA GLY J 130 8.83 20.00 -10.99
C GLY J 130 9.71 21.08 -11.59
N GLY J 131 9.12 22.21 -11.98
CA GLY J 131 9.88 23.30 -12.54
C GLY J 131 10.58 22.96 -13.84
N SER J 132 9.86 22.33 -14.77
CA SER J 132 10.42 21.92 -16.04
C SER J 132 10.33 23.04 -17.07
N ARG J 133 11.13 22.91 -18.12
CA ARG J 133 11.18 23.86 -19.23
C ARG J 133 11.50 25.28 -18.74
N ASN J 134 12.40 25.37 -17.78
CA ASN J 134 12.82 26.66 -17.24
C ASN J 134 13.99 27.23 -18.03
N MET J 135 14.19 28.54 -17.87
CA MET J 135 15.30 29.24 -18.51
C MET J 135 16.34 29.60 -17.46
N GLY J 136 17.61 29.37 -17.79
CA GLY J 136 18.70 29.69 -16.89
C GLY J 136 19.04 31.17 -16.87
N GLY K 83 27.91 19.65 44.71
CA GLY K 83 28.05 20.65 43.67
C GLY K 83 28.67 21.95 44.17
N TYR K 84 29.80 22.31 43.58
CA TYR K 84 30.53 23.51 43.96
C TYR K 84 30.75 24.37 42.72
N GLY K 85 30.43 25.66 42.82
CA GLY K 85 30.57 26.55 41.68
C GLY K 85 32.01 26.90 41.40
N ASN K 86 32.21 27.61 40.29
CA ASN K 86 33.55 28.04 39.92
C ASN K 86 34.10 29.04 40.93
N GLN K 87 35.42 29.01 41.11
CA GLN K 87 36.07 29.91 42.06
C GLN K 87 36.38 31.26 41.42
N GLY K 88 37.15 31.26 40.34
CA GLY K 88 37.53 32.51 39.70
C GLY K 88 37.95 32.27 38.27
N GLY K 89 38.21 33.37 37.58
CA GLY K 89 38.65 33.30 36.20
C GLY K 89 38.80 34.69 35.62
N GLY K 90 39.47 34.74 34.46
CA GLY K 90 39.63 36.02 33.77
C GLY K 90 38.32 36.62 33.35
N TYR K 91 37.38 35.79 32.91
CA TYR K 91 36.03 36.18 32.57
C TYR K 91 35.06 35.59 33.58
N GLY K 92 33.77 35.86 33.39
CA GLY K 92 32.76 35.38 34.31
C GLY K 92 32.52 33.89 34.16
N GLY K 93 32.96 33.10 35.13
CA GLY K 93 32.71 31.68 35.12
C GLY K 93 31.43 31.30 35.85
N GLY K 94 30.48 30.73 35.12
CA GLY K 94 29.21 30.35 35.72
C GLY K 94 28.65 29.11 35.06
N TYR K 95 27.69 28.50 35.74
CA TYR K 95 27.02 27.29 35.24
C TYR K 95 25.86 27.68 34.34
N ASP K 96 26.22 28.12 33.13
CA ASP K 96 25.24 28.62 32.17
C ASP K 96 24.66 27.46 31.38
N ASN K 97 23.34 27.34 31.39
CA ASN K 97 22.63 26.37 30.56
C ASN K 97 21.95 27.13 29.43
N TYR K 98 22.46 26.95 28.21
CA TYR K 98 21.94 27.68 27.06
C TYR K 98 20.80 26.92 26.39
N GLY K 99 20.99 25.64 26.13
CA GLY K 99 19.98 24.82 25.49
C GLY K 99 19.77 23.51 26.20
N GLY K 100 18.52 23.05 26.17
CA GLY K 100 18.19 21.77 26.78
C GLY K 100 16.68 21.58 26.79
N GLY K 101 16.28 20.45 27.36
CA GLY K 101 14.89 20.13 27.57
C GLY K 101 14.44 18.98 26.69
N ASN K 102 13.13 18.82 26.58
CA ASN K 102 12.54 17.77 25.77
C ASN K 102 11.79 18.42 24.61
N TYR K 103 11.99 17.89 23.41
CA TYR K 103 11.35 18.40 22.19
C TYR K 103 10.48 17.28 21.63
N GLY K 104 9.22 17.24 22.05
CA GLY K 104 8.30 16.22 21.60
C GLY K 104 8.70 14.83 22.01
N SER K 105 9.10 14.67 23.27
CA SER K 105 9.59 13.39 23.78
C SER K 105 8.62 12.84 24.83
N GLY K 106 8.67 11.53 25.00
CA GLY K 106 7.81 10.89 25.98
C GLY K 106 6.34 10.89 25.60
N ASN K 107 6.03 11.03 24.31
CA ASN K 107 4.65 11.05 23.87
C ASN K 107 4.03 9.66 23.98
N TYR K 108 2.74 9.63 24.29
CA TYR K 108 1.95 8.40 24.32
C TYR K 108 0.85 8.55 23.28
N ASN K 109 1.06 7.97 22.11
CA ASN K 109 0.13 8.08 21.01
C ASN K 109 -0.39 6.70 20.63
N VAL K 110 -1.71 6.55 20.63
CA VAL K 110 -2.37 5.33 20.14
C VAL K 110 -3.31 5.79 19.03
N PHE K 111 -3.00 5.41 17.79
CA PHE K 111 -3.74 5.89 16.63
C PHE K 111 -4.43 4.73 15.93
N GLY K 112 -5.59 5.02 15.35
CA GLY K 112 -6.32 4.06 14.55
C GLY K 112 -6.63 4.56 13.16
N ASN K 113 -6.41 3.72 12.15
CA ASN K 113 -6.73 4.01 10.76
C ASN K 113 -5.88 5.19 10.29
N TYR K 114 -6.46 6.26 9.74
CA TYR K 114 -5.71 7.26 9.00
C TYR K 114 -5.44 8.48 9.88
N ASN K 115 -4.35 8.41 10.65
CA ASN K 115 -3.96 9.52 11.50
C ASN K 115 -2.64 10.10 11.06
N GLN K 116 -2.54 11.43 11.12
CA GLN K 116 -1.34 12.14 10.74
C GLN K 116 -0.93 13.06 11.88
N GLN K 117 0.32 12.94 12.32
CA GLN K 117 0.85 13.78 13.40
C GLN K 117 2.18 14.37 12.96
N PRO K 118 2.14 15.38 12.10
CA PRO K 118 3.39 16.04 11.69
C PRO K 118 3.91 16.98 12.77
N SER K 119 5.24 17.10 12.81
CA SER K 119 5.90 17.94 13.79
C SER K 119 7.14 18.57 13.18
N ASN K 120 7.28 19.88 13.34
CA ASN K 120 8.43 20.62 12.84
C ASN K 120 9.03 21.44 13.98
N TYR K 121 10.33 21.36 14.15
CA TYR K 121 11.06 22.14 15.15
C TYR K 121 12.07 23.01 14.42
N GLY K 122 12.02 24.32 14.68
CA GLY K 122 12.88 25.25 14.01
C GLY K 122 14.31 25.15 14.52
N PRO K 123 15.20 25.91 13.89
CA PRO K 123 16.61 25.89 14.31
C PRO K 123 16.76 26.39 15.74
N MET K 124 17.64 25.73 16.48
CA MET K 124 17.93 26.10 17.86
C MET K 124 19.31 26.71 17.92
N LYS K 125 19.39 27.96 18.39
CA LYS K 125 20.64 28.68 18.53
C LYS K 125 20.84 28.96 20.02
N SER K 126 21.73 28.20 20.66
CA SER K 126 21.99 28.34 22.08
C SER K 126 23.47 28.65 22.27
N GLY K 127 23.77 29.69 23.04
CA GLY K 127 25.15 30.05 23.31
C GLY K 127 25.44 31.52 23.10
N ASN K 128 26.64 31.83 22.62
CA ASN K 128 27.07 33.19 22.36
C ASN K 128 27.22 33.36 20.85
N PHE K 129 26.58 34.39 20.31
CA PHE K 129 26.56 34.62 18.87
C PHE K 129 26.96 36.05 18.58
N GLY K 130 27.46 36.26 17.36
CA GLY K 130 27.87 37.59 16.93
C GLY K 130 29.00 38.17 17.74
N GLY K 131 30.00 37.36 18.09
CA GLY K 131 31.13 37.83 18.85
C GLY K 131 30.77 38.35 20.23
N SER K 132 29.97 37.58 20.97
CA SER K 132 29.53 37.98 22.30
C SER K 132 30.52 37.53 23.36
N ARG K 133 30.41 38.16 24.53
CA ARG K 133 31.27 37.87 25.68
C ARG K 133 32.74 38.04 25.36
N ASN K 134 33.06 39.08 24.58
CA ASN K 134 34.43 39.38 24.21
C ASN K 134 35.09 40.29 25.25
N MET K 135 36.41 40.32 25.21
CA MET K 135 37.21 41.18 26.08
C MET K 135 37.79 42.32 25.26
N GLY K 136 37.71 43.53 25.81
CA GLY K 136 38.27 44.70 25.14
C GLY K 136 39.77 44.81 25.28
N GLY L 83 -37.24 -24.42 26.22
CA GLY L 83 -37.69 -24.74 24.87
C GLY L 83 -38.30 -26.12 24.76
N TYR L 84 -39.56 -26.17 24.34
CA TYR L 84 -40.30 -27.42 24.20
C TYR L 84 -40.85 -27.52 22.79
N GLY L 85 -40.63 -28.66 22.14
CA GLY L 85 -41.09 -28.83 20.78
C GLY L 85 -42.59 -29.04 20.69
N ASN L 86 -43.08 -29.08 19.46
CA ASN L 86 -44.51 -29.29 19.23
C ASN L 86 -44.91 -30.69 19.68
N GLN L 87 -46.15 -30.82 20.14
CA GLN L 87 -46.66 -32.10 20.62
C GLN L 87 -47.21 -32.94 19.47
N GLY L 88 -48.20 -32.40 18.75
CA GLY L 88 -48.82 -33.14 17.66
C GLY L 88 -49.51 -32.22 16.69
N GLY L 89 -50.01 -32.80 15.62
CA GLY L 89 -50.73 -32.04 14.62
C GLY L 89 -51.12 -32.93 13.46
N GLY L 90 -52.03 -32.41 12.64
CA GLY L 90 -52.45 -33.13 11.46
C GLY L 90 -51.32 -33.37 10.48
N TYR L 91 -50.43 -32.40 10.34
CA TYR L 91 -49.22 -32.52 9.54
C TYR L 91 -48.01 -32.50 10.47
N GLY L 92 -46.82 -32.58 9.87
CA GLY L 92 -45.60 -32.61 10.65
C GLY L 92 -45.25 -31.26 11.23
N GLY L 93 -45.41 -31.10 12.54
CA GLY L 93 -45.04 -29.87 13.21
C GLY L 93 -43.61 -29.87 13.71
N GLY L 94 -42.79 -28.98 13.18
CA GLY L 94 -41.40 -28.92 13.58
C GLY L 94 -40.89 -27.50 13.55
N TYR L 95 -39.74 -27.29 14.20
CA TYR L 95 -39.10 -25.97 14.26
C TYR L 95 -38.20 -25.80 13.04
N ASP L 96 -38.84 -25.56 11.89
CA ASP L 96 -38.15 -25.45 10.63
C ASP L 96 -37.66 -24.02 10.43
N ASN L 97 -36.36 -23.87 10.20
CA ASN L 97 -35.75 -22.59 9.85
C ASN L 97 -35.41 -22.63 8.37
N TYR L 98 -36.15 -21.86 7.57
CA TYR L 98 -35.95 -21.86 6.12
C TYR L 98 -34.92 -20.81 5.69
N GLY L 99 -35.05 -19.59 6.19
CA GLY L 99 -34.14 -18.53 5.83
C GLY L 99 -33.66 -17.77 7.06
N GLY L 100 -32.42 -17.31 6.99
CA GLY L 100 -31.85 -16.53 8.06
C GLY L 100 -30.36 -16.31 7.83
N GLY L 101 -29.75 -15.62 8.79
CA GLY L 101 -28.32 -15.41 8.80
C GLY L 101 -27.98 -13.97 8.57
N ASN L 102 -26.71 -13.71 8.26
CA ASN L 102 -26.22 -12.37 8.00
C ASN L 102 -25.81 -12.29 6.53
N TYR L 103 -26.20 -11.22 5.87
CA TYR L 103 -25.90 -11.00 4.46
C TYR L 103 -25.07 -9.72 4.35
N GLY L 104 -23.74 -9.86 4.44
CA GLY L 104 -22.85 -8.72 4.38
C GLY L 104 -23.04 -7.75 5.53
N SER L 105 -23.14 -8.29 6.74
CA SER L 105 -23.40 -7.49 7.93
C SER L 105 -22.19 -7.52 8.85
N GLY L 106 -22.07 -6.50 9.69
CA GLY L 106 -20.96 -6.43 10.62
C GLY L 106 -19.63 -6.18 9.97
N ASN L 107 -19.62 -5.62 8.76
CA ASN L 107 -18.37 -5.35 8.07
C ASN L 107 -17.62 -4.20 8.73
N TYR L 108 -16.29 -4.29 8.71
CA TYR L 108 -15.41 -3.23 9.19
C TYR L 108 -14.57 -2.78 8.01
N ASN L 109 -14.99 -1.67 7.38
CA ASN L 109 -14.32 -1.15 6.19
C ASN L 109 -13.78 0.23 6.47
N VAL L 110 -12.49 0.43 6.26
CA VAL L 110 -11.85 1.74 6.32
C VAL L 110 -11.20 1.96 4.95
N PHE L 111 -11.73 2.92 4.20
CA PHE L 111 -11.31 3.15 2.82
C PHE L 111 -10.69 4.52 2.68
N GLY L 112 -9.71 4.61 1.79
CA GLY L 112 -9.09 5.88 1.46
C GLY L 112 -9.12 6.18 -0.03
N ASN L 113 -9.49 7.42 -0.37
CA ASN L 113 -9.50 7.91 -1.75
C ASN L 113 -10.54 7.12 -2.55
N TYR L 114 -10.18 6.52 -3.68
CA TYR L 114 -11.16 6.01 -4.65
C TYR L 114 -11.34 4.50 -4.47
N ASN L 115 -12.22 4.12 -3.56
CA ASN L 115 -12.52 2.72 -3.33
C ASN L 115 -13.96 2.40 -3.70
N GLN L 116 -14.16 1.24 -4.30
CA GLN L 116 -15.47 0.77 -4.72
C GLN L 116 -15.70 -0.62 -4.15
N GLN L 117 -16.81 -0.79 -3.44
CA GLN L 117 -17.17 -2.08 -2.85
C GLN L 117 -18.61 -2.41 -3.22
N PRO L 118 -18.85 -2.82 -4.45
CA PRO L 118 -20.20 -3.22 -4.85
C PRO L 118 -20.56 -4.59 -4.32
N SER L 119 -21.85 -4.78 -4.04
CA SER L 119 -22.35 -6.04 -3.51
C SER L 119 -23.75 -6.29 -4.06
N ASN L 120 -23.97 -7.50 -4.57
CA ASN L 120 -25.26 -7.92 -5.09
C ASN L 120 -25.67 -9.23 -4.44
N TYR L 121 -26.90 -9.30 -3.95
CA TYR L 121 -27.46 -10.51 -3.37
C TYR L 121 -28.68 -10.92 -4.17
N GLY L 122 -28.68 -12.16 -4.65
CA GLY L 122 -29.75 -12.64 -5.48
C GLY L 122 -31.01 -12.88 -4.69
N PRO L 123 -32.09 -13.23 -5.39
CA PRO L 123 -33.36 -13.49 -4.71
C PRO L 123 -33.25 -14.67 -3.75
N MET L 124 -33.88 -14.53 -2.60
CA MET L 124 -33.90 -15.57 -1.58
C MET L 124 -35.29 -16.18 -1.53
N LYS L 125 -35.37 -17.48 -1.78
CA LYS L 125 -36.62 -18.22 -1.73
C LYS L 125 -36.52 -19.24 -0.61
N SER L 126 -37.18 -18.96 0.52
CA SER L 126 -37.13 -19.83 1.68
C SER L 126 -38.56 -20.25 2.03
N GLY L 127 -38.78 -21.54 2.19
CA GLY L 127 -40.09 -22.05 2.54
C GLY L 127 -40.55 -23.20 1.68
N ASN L 128 -41.84 -23.26 1.41
CA ASN L 128 -42.44 -24.30 0.58
C ASN L 128 -42.93 -23.67 -0.71
N PHE L 129 -42.52 -24.25 -1.84
CA PHE L 129 -42.82 -23.68 -3.15
C PHE L 129 -43.41 -24.78 -4.04
N GLY L 130 -44.17 -24.34 -5.03
CA GLY L 130 -44.78 -25.26 -5.97
C GLY L 130 -45.76 -26.23 -5.35
N GLY L 131 -46.57 -25.75 -4.40
CA GLY L 131 -47.56 -26.60 -3.77
C GLY L 131 -46.95 -27.73 -2.98
N SER L 132 -45.95 -27.44 -2.16
CA SER L 132 -45.27 -28.45 -1.36
C SER L 132 -45.97 -28.67 -0.03
N ARG L 133 -45.66 -29.80 0.60
CA ARG L 133 -46.22 -30.19 1.89
C ARG L 133 -47.74 -30.22 1.87
N ASN L 134 -48.30 -30.71 0.77
CA ASN L 134 -49.74 -30.83 0.62
C ASN L 134 -50.24 -32.17 1.16
N MET L 135 -51.54 -32.23 1.41
CA MET L 135 -52.21 -33.44 1.87
C MET L 135 -53.05 -34.01 0.75
N GLY L 136 -52.97 -35.32 0.56
CA GLY L 136 -53.74 -35.99 -0.46
C GLY L 136 -55.19 -36.22 -0.06
N GLY M 83 7.15 9.58 -47.36
CA GLY M 83 8.01 9.54 -46.18
C GLY M 83 9.42 10.00 -46.45
N TYR M 84 9.83 11.06 -45.75
CA TYR M 84 11.16 11.63 -45.92
C TYR M 84 11.85 11.70 -44.56
N GLY M 85 13.08 11.21 -44.50
CA GLY M 85 13.81 11.19 -43.24
C GLY M 85 14.30 12.56 -42.83
N ASN M 86 14.85 12.63 -41.62
CA ASN M 86 15.38 13.89 -41.12
C ASN M 86 16.58 14.33 -41.95
N GLN M 87 16.76 15.64 -42.06
CA GLN M 87 17.86 16.21 -42.84
C GLN M 87 19.13 16.31 -42.00
N GLY M 88 19.07 17.04 -40.89
CA GLY M 88 20.24 17.23 -40.06
C GLY M 88 19.86 17.63 -38.66
N GLY M 89 20.86 17.71 -37.80
CA GLY M 89 20.64 18.12 -36.43
C GLY M 89 21.94 18.06 -35.65
N GLY M 90 21.90 18.67 -34.46
CA GLY M 90 23.07 18.65 -33.60
C GLY M 90 23.43 17.24 -33.16
N TYR M 91 22.43 16.42 -32.89
CA TYR M 91 22.61 15.02 -32.57
C TYR M 91 22.04 14.17 -33.70
N GLY M 92 22.11 12.85 -33.54
CA GLY M 92 21.65 11.94 -34.58
C GLY M 92 20.15 11.89 -34.65
N GLY M 93 19.56 12.47 -35.70
CA GLY M 93 18.13 12.41 -35.91
C GLY M 93 17.71 11.23 -36.75
N GLY M 94 16.92 10.33 -36.16
CA GLY M 94 16.48 9.14 -36.87
C GLY M 94 15.08 8.74 -36.43
N TYR M 95 14.47 7.88 -37.24
CA TYR M 95 13.13 7.37 -36.95
C TYR M 95 13.23 6.13 -36.06
N ASP M 96 13.53 6.39 -34.79
CA ASP M 96 13.75 5.32 -33.82
C ASP M 96 12.42 4.88 -33.22
N ASN M 97 12.14 3.59 -33.33
CA ASN M 97 10.98 2.98 -32.69
C ASN M 97 11.47 2.18 -31.49
N TYR M 98 11.17 2.66 -30.29
CA TYR M 98 11.65 2.00 -29.07
C TYR M 98 10.66 0.96 -28.58
N GLY M 99 9.38 1.31 -28.50
CA GLY M 99 8.37 0.39 -28.03
C GLY M 99 7.16 0.38 -28.93
N GLY M 100 6.54 -0.78 -29.03
CA GLY M 100 5.34 -0.93 -29.83
C GLY M 100 4.96 -2.39 -29.96
N GLY M 101 3.88 -2.62 -30.70
CA GLY M 101 3.42 -3.96 -31.03
C GLY M 101 2.12 -4.26 -30.35
N ASN M 102 1.77 -5.54 -30.32
CA ASN M 102 0.54 -6.03 -29.71
C ASN M 102 0.91 -6.88 -28.50
N TYR M 103 0.24 -6.66 -27.38
CA TYR M 103 0.47 -7.39 -26.15
C TYR M 103 -0.81 -8.13 -25.80
N GLY M 104 -0.95 -9.36 -26.29
CA GLY M 104 -2.12 -10.15 -26.04
C GLY M 104 -3.39 -9.56 -26.62
N SER M 105 -3.31 -9.09 -27.86
CA SER M 105 -4.42 -8.43 -28.52
C SER M 105 -4.92 -9.27 -29.68
N GLY M 106 -6.18 -9.05 -30.04
CA GLY M 106 -6.77 -9.79 -31.15
C GLY M 106 -7.01 -11.25 -30.85
N ASN M 107 -7.11 -11.61 -29.58
CA ASN M 107 -7.33 -13.00 -29.20
C ASN M 107 -8.76 -13.43 -29.54
N TYR M 108 -8.89 -14.70 -29.93
CA TYR M 108 -10.20 -15.31 -30.17
C TYR M 108 -10.35 -16.45 -29.19
N ASN M 109 -11.08 -16.21 -28.10
CA ASN M 109 -11.24 -17.19 -27.03
C ASN M 109 -12.72 -17.52 -26.88
N VAL M 110 -13.04 -18.81 -26.97
CA VAL M 110 -14.38 -19.31 -26.69
C VAL M 110 -14.22 -20.35 -25.60
N PHE M 111 -14.74 -20.04 -24.41
CA PHE M 111 -14.53 -20.86 -23.23
C PHE M 111 -15.86 -21.42 -22.74
N GLY M 112 -15.81 -22.63 -22.19
CA GLY M 112 -16.96 -23.24 -21.58
C GLY M 112 -16.71 -23.67 -20.15
N ASN M 113 -17.66 -23.37 -19.26
CA ASN M 113 -17.62 -23.78 -17.85
C ASN M 113 -16.43 -23.10 -17.17
N TYR M 114 -15.54 -23.84 -16.51
CA TYR M 114 -14.57 -23.25 -15.59
C TYR M 114 -13.21 -23.12 -16.28
N ASN M 115 -13.03 -22.01 -16.99
CA ASN M 115 -11.77 -21.75 -17.66
C ASN M 115 -11.09 -20.52 -17.06
N GLN M 116 -9.77 -20.60 -16.93
CA GLN M 116 -8.97 -19.52 -16.39
C GLN M 116 -7.85 -19.20 -17.36
N GLN M 117 -7.74 -17.93 -17.75
CA GLN M 117 -6.70 -17.47 -18.67
C GLN M 117 -6.01 -16.26 -18.07
N PRO M 118 -5.15 -16.45 -17.08
CA PRO M 118 -4.40 -15.32 -16.51
C PRO M 118 -3.27 -14.90 -17.42
N SER M 119 -2.96 -13.60 -17.38
CA SER M 119 -1.91 -13.02 -18.20
C SER M 119 -1.23 -11.90 -17.43
N ASN M 120 0.09 -11.92 -17.40
CA ASN M 120 0.90 -10.90 -16.74
C ASN M 120 1.94 -10.38 -17.71
N TYR M 121 2.06 -9.06 -17.83
CA TYR M 121 3.05 -8.43 -18.66
C TYR M 121 3.94 -7.55 -17.77
N GLY M 122 5.25 -7.78 -17.84
CA GLY M 122 6.17 -7.07 -17.00
C GLY M 122 6.34 -5.62 -17.44
N PRO M 123 7.10 -4.87 -16.66
CA PRO M 123 7.32 -3.46 -17.01
C PRO M 123 8.04 -3.32 -18.34
N MET M 124 7.62 -2.35 -19.13
CA MET M 124 8.23 -2.06 -20.42
C MET M 124 9.01 -0.77 -20.32
N LYS M 125 10.31 -0.85 -20.60
CA LYS M 125 11.20 0.31 -20.58
C LYS M 125 11.73 0.52 -21.99
N SER M 126 11.19 1.52 -22.68
CA SER M 126 11.56 1.81 -24.06
C SER M 126 12.07 3.24 -24.13
N GLY M 127 13.26 3.42 -24.72
CA GLY M 127 13.82 4.75 -24.86
C GLY M 127 15.27 4.83 -24.43
N ASN M 128 15.65 5.96 -23.84
CA ASN M 128 17.01 6.19 -23.37
C ASN M 128 16.97 6.28 -21.85
N PHE M 129 17.82 5.50 -21.20
CA PHE M 129 17.82 5.38 -19.75
C PHE M 129 19.23 5.59 -19.23
N GLY M 130 19.32 6.01 -17.97
CA GLY M 130 20.61 6.23 -17.34
C GLY M 130 21.45 7.30 -17.99
N GLY M 131 20.83 8.40 -18.41
CA GLY M 131 21.56 9.49 -19.04
C GLY M 131 22.22 9.11 -20.34
N SER M 132 21.48 8.44 -21.22
CA SER M 132 22.00 8.00 -22.50
C SER M 132 21.85 9.08 -23.56
N ARG M 133 22.63 8.92 -24.64
CA ARG M 133 22.62 9.85 -25.77
C ARG M 133 22.94 11.27 -25.34
N ASN M 134 23.87 11.42 -24.41
CA ASN M 134 24.29 12.73 -23.93
C ASN M 134 25.42 13.29 -24.79
N MET M 135 25.62 14.60 -24.68
CA MET M 135 26.68 15.30 -25.37
C MET M 135 27.75 15.71 -24.37
N GLY M 136 29.01 15.49 -24.74
CA GLY M 136 30.13 15.85 -23.89
C GLY M 136 30.44 17.33 -23.93
N GLY N 83 41.58 8.03 37.66
CA GLY N 83 41.66 9.00 36.59
C GLY N 83 42.27 10.31 37.02
N TYR N 84 43.39 10.68 36.37
CA TYR N 84 44.11 11.90 36.69
C TYR N 84 44.28 12.72 35.41
N GLY N 85 43.94 14.01 35.48
CA GLY N 85 44.03 14.85 34.31
C GLY N 85 45.46 15.22 33.97
N ASN N 86 45.60 15.89 32.84
CA ASN N 86 46.92 16.33 32.39
C ASN N 86 47.49 17.37 33.36
N GLN N 87 48.81 17.36 33.50
CA GLN N 87 49.49 18.30 34.38
C GLN N 87 49.76 19.63 33.69
N GLY N 88 50.49 19.61 32.59
CA GLY N 88 50.83 20.84 31.89
C GLY N 88 51.20 20.56 30.46
N GLY N 89 51.42 21.64 29.71
CA GLY N 89 51.82 21.53 28.33
C GLY N 89 51.92 22.90 27.70
N GLY N 90 52.55 22.92 26.52
CA GLY N 90 52.68 24.16 25.79
C GLY N 90 51.34 24.74 25.39
N TYR N 91 50.40 23.87 25.00
CA TYR N 91 49.03 24.25 24.70
C TYR N 91 48.11 23.67 25.76
N GLY N 92 46.82 23.92 25.61
CA GLY N 92 45.84 23.46 26.59
C GLY N 92 45.61 21.97 26.49
N GLY N 93 46.10 21.21 27.47
CA GLY N 93 45.87 19.78 27.51
C GLY N 93 44.63 19.42 28.29
N GLY N 94 43.65 18.82 27.62
CA GLY N 94 42.41 18.43 28.27
C GLY N 94 41.85 17.16 27.68
N TYR N 95 40.91 16.56 28.41
CA TYR N 95 40.26 15.33 27.98
C TYR N 95 39.05 15.69 27.10
N ASP N 96 39.36 16.08 25.87
CA ASP N 96 38.35 16.53 24.92
C ASP N 96 37.77 15.34 24.19
N ASN N 97 36.44 15.20 24.26
CA ASN N 97 35.71 14.20 23.48
C ASN N 97 34.99 14.91 22.35
N TYR N 98 35.46 14.69 21.12
CA TYR N 98 34.89 15.37 19.97
C TYR N 98 33.73 14.59 19.35
N GLY N 99 33.94 13.29 19.14
CA GLY N 99 32.91 12.45 18.55
C GLY N 99 32.74 11.15 19.32
N GLY N 100 31.51 10.67 19.35
CA GLY N 100 31.21 9.41 20.01
C GLY N 100 29.73 9.20 20.08
N GLY N 101 29.35 8.08 20.70
CA GLY N 101 27.96 7.76 20.96
C GLY N 101 27.52 6.57 20.15
N ASN N 102 26.21 6.38 20.08
CA ASN N 102 25.60 5.30 19.32
C ASN N 102 24.80 5.90 18.17
N TYR N 103 24.96 5.32 16.99
CA TYR N 103 24.29 5.79 15.79
C TYR N 103 23.41 4.64 15.28
N GLY N 104 22.16 4.61 15.75
CA GLY N 104 21.23 3.56 15.37
C GLY N 104 21.68 2.18 15.81
N SER N 105 22.13 2.07 17.05
CA SER N 105 22.65 0.82 17.60
C SER N 105 21.73 0.29 18.69
N GLY N 106 21.80 -1.02 18.90
CA GLY N 106 20.97 -1.63 19.93
C GLY N 106 19.50 -1.65 19.60
N ASN N 107 19.14 -1.57 18.32
CA ASN N 107 17.75 -1.59 17.92
C ASN N 107 17.15 -2.97 18.11
N TYR N 108 15.87 -3.01 18.47
CA TYR N 108 15.10 -4.25 18.57
C TYR N 108 13.97 -4.15 17.57
N ASN N 109 14.14 -4.78 16.41
CA ASN N 109 13.16 -4.70 15.32
C ASN N 109 12.67 -6.10 15.01
N VAL N 110 11.35 -6.28 15.06
CA VAL N 110 10.69 -7.51 14.63
C VAL N 110 9.70 -7.12 13.55
N PHE N 111 9.97 -7.53 12.32
CA PHE N 111 9.19 -7.11 11.16
C PHE N 111 8.48 -8.29 10.53
N GLY N 112 7.31 -8.03 9.98
CA GLY N 112 6.57 -9.03 9.24
C GLY N 112 6.20 -8.58 7.85
N ASN N 113 6.40 -9.46 6.86
CA ASN N 113 6.03 -9.21 5.47
C ASN N 113 6.85 -8.05 4.92
N TYR N 114 6.24 -7.00 4.36
CA TYR N 114 6.94 -6.00 3.55
C TYR N 114 7.23 -4.76 4.39
N ASN N 115 8.33 -4.79 5.13
CA ASN N 115 8.73 -3.65 5.93
C ASN N 115 10.05 -3.07 5.41
N GLN N 116 10.12 -1.74 5.43
CA GLN N 116 11.30 -1.01 4.98
C GLN N 116 11.73 -0.05 6.09
N GLN N 117 13.00 -0.14 6.48
CA GLN N 117 13.56 0.73 7.51
C GLN N 117 14.86 1.32 7.01
N PRO N 118 14.78 2.30 6.11
CA PRO N 118 16.00 2.98 5.64
C PRO N 118 16.55 3.95 6.67
N SER N 119 17.86 4.10 6.66
CA SER N 119 18.55 4.98 7.59
C SER N 119 19.75 5.60 6.92
N ASN N 120 19.89 6.92 7.02
CA ASN N 120 21.01 7.65 6.47
C ASN N 120 21.63 8.52 7.56
N TYR N 121 22.95 8.46 7.68
CA TYR N 121 23.69 9.29 8.63
C TYR N 121 24.67 10.15 7.84
N GLY N 122 24.60 11.46 8.06
CA GLY N 122 25.43 12.37 7.32
C GLY N 122 26.87 12.32 7.79
N PRO N 123 27.73 13.06 7.10
CA PRO N 123 29.15 13.08 7.48
C PRO N 123 29.35 13.63 8.88
N MET N 124 30.25 13.01 9.62
CA MET N 124 30.59 13.43 10.98
C MET N 124 31.97 14.06 10.97
N LYS N 125 32.04 15.33 11.38
CA LYS N 125 33.29 16.06 11.46
C LYS N 125 33.54 16.41 12.93
N SER N 126 34.45 15.68 13.56
CA SER N 126 34.77 15.87 14.97
C SER N 126 36.24 16.20 15.10
N GLY N 127 36.55 17.27 15.82
CA GLY N 127 37.93 17.65 16.02
C GLY N 127 38.19 19.12 15.77
N ASN N 128 39.38 19.43 15.22
CA ASN N 128 39.77 20.80 14.90
C ASN N 128 39.87 20.91 13.39
N PHE N 129 39.20 21.91 12.84
CA PHE N 129 39.12 22.09 11.39
C PHE N 129 39.50 23.51 11.03
N GLY N 130 39.95 23.69 9.80
CA GLY N 130 40.32 25.01 9.31
C GLY N 130 41.47 25.64 10.06
N GLY N 131 42.49 24.85 10.41
CA GLY N 131 43.65 25.36 11.12
C GLY N 131 43.32 25.92 12.48
N SER N 132 42.56 25.17 13.27
CA SER N 132 42.16 25.60 14.60
C SER N 132 43.20 25.21 15.64
N ARG N 133 43.11 25.87 16.80
CA ARG N 133 44.01 25.63 17.94
C ARG N 133 45.48 25.82 17.55
N ASN N 134 45.74 26.83 16.72
CA ASN N 134 47.11 27.14 16.30
C ASN N 134 47.78 28.09 17.28
N MET N 135 49.10 28.14 17.20
CA MET N 135 49.92 29.03 18.00
C MET N 135 50.46 30.15 17.13
N GLY N 136 50.38 31.38 17.64
CA GLY N 136 50.89 32.54 16.92
C GLY N 136 52.40 32.66 17.00
N GLY O 83 -23.53 -37.51 22.91
CA GLY O 83 -24.01 -37.89 21.59
C GLY O 83 -24.62 -39.28 21.55
N TYR O 84 -25.89 -39.35 21.17
CA TYR O 84 -26.61 -40.62 21.10
C TYR O 84 -27.21 -40.77 19.71
N GLY O 85 -27.00 -41.93 19.10
CA GLY O 85 -27.50 -42.15 17.75
C GLY O 85 -29.00 -42.39 17.72
N ASN O 86 -29.53 -42.47 16.51
CA ASN O 86 -30.95 -42.72 16.34
C ASN O 86 -31.32 -44.11 16.85
N GLN O 87 -32.54 -44.23 17.37
CA GLN O 87 -33.02 -45.50 17.90
C GLN O 87 -33.60 -46.38 16.80
N GLY O 88 -34.61 -45.88 16.09
CA GLY O 88 -35.25 -46.68 15.06
C GLY O 88 -35.99 -45.79 14.09
N GLY O 89 -36.52 -46.42 13.05
CA GLY O 89 -37.29 -45.71 12.05
C GLY O 89 -37.71 -46.63 10.93
N GLY O 90 -38.65 -46.15 10.12
CA GLY O 90 -39.09 -46.92 8.98
C GLY O 90 -37.99 -47.18 7.98
N TYR O 91 -37.13 -46.20 7.77
CA TYR O 91 -35.95 -46.34 6.93
C TYR O 91 -34.70 -46.25 7.81
N GLY O 92 -33.53 -46.35 7.18
CA GLY O 92 -32.28 -46.34 7.92
C GLY O 92 -31.94 -44.95 8.44
N GLY O 93 -32.06 -44.76 9.75
CA GLY O 93 -31.69 -43.50 10.37
C GLY O 93 -30.24 -43.48 10.82
N GLY O 94 -29.44 -42.59 10.23
CA GLY O 94 -28.05 -42.49 10.58
C GLY O 94 -27.55 -41.06 10.49
N TYR O 95 -26.39 -40.82 11.09
CA TYR O 95 -25.76 -39.49 11.08
C TYR O 95 -24.91 -39.35 9.82
N ASP O 96 -25.59 -39.15 8.70
CA ASP O 96 -24.94 -39.08 7.40
C ASP O 96 -24.48 -37.65 7.14
N ASN O 97 -23.19 -37.49 6.86
CA ASN O 97 -22.62 -36.22 6.44
C ASN O 97 -22.32 -36.30 4.96
N TYR O 98 -23.10 -35.56 4.17
CA TYR O 98 -22.96 -35.62 2.71
C TYR O 98 -21.96 -34.57 2.21
N GLY O 99 -22.09 -33.34 2.68
CA GLY O 99 -21.20 -32.27 2.26
C GLY O 99 -20.69 -31.46 3.42
N GLY O 100 -19.46 -30.99 3.30
CA GLY O 100 -18.86 -30.17 4.32
C GLY O 100 -17.40 -29.94 4.05
N GLY O 101 -16.75 -29.22 4.95
CA GLY O 101 -15.33 -28.98 4.91
C GLY O 101 -15.03 -27.54 4.62
N ASN O 102 -13.77 -27.28 4.26
CA ASN O 102 -13.30 -25.94 3.93
C ASN O 102 -12.94 -25.90 2.44
N TYR O 103 -13.37 -24.86 1.75
CA TYR O 103 -13.11 -24.69 0.33
C TYR O 103 -12.32 -23.40 0.16
N GLY O 104 -10.99 -23.52 0.20
CA GLY O 104 -10.12 -22.37 0.07
C GLY O 104 -10.27 -21.37 1.19
N SER O 105 -10.33 -21.86 2.43
CA SER O 105 -10.56 -21.03 3.60
C SER O 105 -9.31 -21.02 4.48
N GLY O 106 -9.18 -19.96 5.28
CA GLY O 106 -8.05 -19.84 6.16
C GLY O 106 -6.73 -19.60 5.46
N ASN O 107 -6.77 -19.07 4.25
CA ASN O 107 -5.55 -18.82 3.49
C ASN O 107 -4.80 -17.63 4.09
N TYR O 108 -3.48 -17.71 4.03
CA TYR O 108 -2.59 -16.62 4.44
C TYR O 108 -1.80 -16.19 3.21
N ASN O 109 -2.25 -15.12 2.56
CA ASN O 109 -1.63 -14.64 1.34
C ASN O 109 -1.10 -13.23 1.56
N VAL O 110 0.18 -13.03 1.28
CA VAL O 110 0.80 -11.71 1.28
C VAL O 110 1.40 -11.51 -0.11
N PHE O 111 0.82 -10.59 -0.88
CA PHE O 111 1.19 -10.42 -2.28
C PHE O 111 1.80 -9.03 -2.49
N GLY O 112 2.74 -8.97 -3.41
CA GLY O 112 3.33 -7.70 -3.81
C GLY O 112 3.24 -7.45 -5.30
N ASN O 113 2.85 -6.23 -5.67
CA ASN O 113 2.78 -5.78 -7.07
C ASN O 113 1.73 -6.61 -7.81
N TYR O 114 2.05 -7.26 -8.93
CA TYR O 114 1.05 -7.80 -9.84
C TYR O 114 0.90 -9.30 -9.61
N ASN O 115 0.05 -9.66 -8.65
CA ASN O 115 -0.21 -11.06 -8.37
C ASN O 115 -1.66 -11.41 -8.68
N GLN O 116 -1.86 -12.60 -9.24
CA GLN O 116 -3.18 -13.10 -9.58
C GLN O 116 -3.38 -14.47 -8.97
N GLN O 117 -4.46 -14.64 -8.21
CA GLN O 117 -4.78 -15.90 -7.57
C GLN O 117 -6.22 -16.27 -7.87
N PRO O 118 -6.50 -16.72 -9.08
CA PRO O 118 -7.86 -17.15 -9.42
C PRO O 118 -8.17 -18.52 -8.83
N SER O 119 -9.46 -18.71 -8.51
CA SER O 119 -9.92 -19.94 -7.92
C SER O 119 -11.33 -20.25 -8.40
N ASN O 120 -11.55 -21.47 -8.86
CA ASN O 120 -12.86 -21.92 -9.33
C ASN O 120 -13.21 -23.22 -8.61
N TYR O 121 -14.43 -23.29 -8.09
CA TYR O 121 -14.95 -24.49 -7.45
C TYR O 121 -16.19 -24.94 -8.20
N GLY O 122 -16.19 -26.20 -8.63
CA GLY O 122 -17.28 -26.71 -9.41
C GLY O 122 -18.51 -26.94 -8.56
N PRO O 123 -19.60 -27.34 -9.22
CA PRO O 123 -20.85 -27.59 -8.48
C PRO O 123 -20.69 -28.73 -7.49
N MET O 124 -21.28 -28.55 -6.32
CA MET O 124 -21.25 -29.56 -5.27
C MET O 124 -22.63 -30.19 -5.15
N LYS O 125 -22.70 -31.50 -5.35
CA LYS O 125 -23.94 -32.25 -5.23
C LYS O 125 -23.78 -33.24 -4.08
N SER O 126 -24.41 -32.93 -2.95
CA SER O 126 -24.32 -33.76 -1.76
C SER O 126 -25.72 -34.18 -1.35
N GLY O 127 -25.91 -35.48 -1.13
CA GLY O 127 -27.21 -35.97 -0.72
C GLY O 127 -27.68 -37.17 -1.52
N ASN O 128 -28.99 -37.26 -1.75
CA ASN O 128 -29.59 -38.34 -2.52
C ASN O 128 -30.13 -37.76 -3.82
N PHE O 129 -29.75 -38.36 -4.94
CA PHE O 129 -30.11 -37.85 -6.25
C PHE O 129 -30.71 -38.97 -7.09
N GLY O 130 -31.51 -38.57 -8.07
CA GLY O 130 -32.14 -39.55 -8.96
C GLY O 130 -33.08 -40.50 -8.26
N GLY O 131 -33.87 -40.01 -7.32
CA GLY O 131 -34.82 -40.84 -6.61
C GLY O 131 -34.17 -41.95 -5.80
N SER O 132 -33.15 -41.61 -5.03
CA SER O 132 -32.42 -42.58 -4.23
C SER O 132 -33.08 -42.76 -2.86
N ARG O 133 -32.73 -43.87 -2.22
CA ARG O 133 -33.24 -44.22 -0.88
C ARG O 133 -34.76 -44.27 -0.85
N ASN O 134 -35.35 -44.81 -1.92
CA ASN O 134 -36.79 -44.94 -2.01
C ASN O 134 -37.25 -46.28 -1.41
N MET O 135 -38.54 -46.35 -1.11
CA MET O 135 -39.17 -47.55 -0.59
C MET O 135 -40.05 -48.17 -1.66
N GLY O 136 -39.95 -49.49 -1.81
CA GLY O 136 -40.75 -50.21 -2.78
C GLY O 136 -42.18 -50.43 -2.32
#